data_5MZM
#
_entry.id   5MZM
#
_cell.length_a   91.350
_cell.length_b   125.010
_cell.length_c   98.053
_cell.angle_alpha   90.00
_cell.angle_beta   103.53
_cell.angle_gamma   90.00
#
_symmetry.space_group_name_H-M   'I 1 2 1'
#
loop_
_entity.id
_entity.type
_entity.pdbx_description
1 polymer 'H-2 class I histocompatibility antigen, D-B alpha chain'
2 polymer Beta-2-microglobulin
3 polymer 'Ceramide synthase 5 derived peptide Trh4 p3P'
4 non-polymer GLYCEROL
5 non-polymer 'SULFATE ION'
6 water water
#
loop_
_entity_poly.entity_id
_entity_poly.type
_entity_poly.pdbx_seq_one_letter_code
_entity_poly.pdbx_strand_id
1 'polypeptide(L)'
;GPHSMRYFETAVSRPGLEEPRYISVGYVDNKEFVRFDSDAENPRYEPRAPWMEQEGPEYWERETQKAKGQEQWFRVSLRN
LLGYYNQSAGGSHTLQQMSGCDLGSDWRLLRGYLQFAYEGRDYIALNEDLKTWTAADMAAQITRRKWEQSGAAEHYKAYL
EGECVEWLHRYLKNGNATLLRTDSPKAHVTHHPRSKGEVTLRCWALGFYPADITLTWQLNGEELTQDMELVETRPAGDGT
FQKWASVVVPLGKEQNYTCRVYHEGLPEPLTLRWEP
;
A,D
2 'polypeptide(L)'
;IQKTPQIQVYSRHPPENGKPNILNCYVTQFHPPHIEIQMLKNGKKIPKVEMSDMSFSKDWSFYILAHTEFTPTETDTYAC
RVKHDSMAEPKTVYWDRDM
;
B,E
3 'polypeptide(L)' MCPRMTAVM C,F
#
# COMPACT_ATOMS: atom_id res chain seq x y z
N GLY A 1 -1.11 -8.66 -7.15
CA GLY A 1 -0.84 -7.30 -6.74
C GLY A 1 -2.07 -6.41 -6.72
N PRO A 2 -1.93 -5.19 -6.22
CA PRO A 2 -3.07 -4.28 -6.14
C PRO A 2 -3.48 -3.77 -7.51
N HIS A 3 -4.74 -3.36 -7.62
CA HIS A 3 -5.32 -2.97 -8.89
C HIS A 3 -6.19 -1.73 -8.68
N SER A 4 -6.55 -1.09 -9.80
CA SER A 4 -7.28 0.16 -9.75
C SER A 4 -8.01 0.39 -11.06
N MET A 5 -9.09 1.15 -10.99
CA MET A 5 -9.77 1.68 -12.16
C MET A 5 -10.03 3.17 -11.94
N ARG A 6 -9.95 3.94 -13.02
CA ARG A 6 -10.09 5.39 -12.95
C ARG A 6 -10.83 5.90 -14.17
N TYR A 7 -11.65 6.93 -13.97
CA TYR A 7 -12.25 7.68 -15.06
C TYR A 7 -11.89 9.14 -14.88
N PHE A 8 -11.14 9.68 -15.84
CA PHE A 8 -10.74 11.09 -15.85
C PHE A 8 -11.60 11.80 -16.89
N GLU A 9 -12.35 12.81 -16.45
CA GLU A 9 -13.30 13.50 -17.30
C GLU A 9 -13.01 14.99 -17.31
N THR A 10 -13.20 15.62 -18.47
CA THR A 10 -12.85 17.02 -18.68
C THR A 10 -13.90 17.69 -19.55
N ALA A 11 -14.30 18.89 -19.15
CA ALA A 11 -15.14 19.76 -19.97
C ALA A 11 -14.44 21.11 -20.11
N VAL A 12 -14.31 21.57 -21.35
CA VAL A 12 -13.57 22.79 -21.67
C VAL A 12 -14.49 23.76 -22.39
N SER A 13 -14.60 24.98 -21.87
CA SER A 13 -15.21 26.08 -22.58
C SER A 13 -14.12 27.02 -23.06
N ARG A 14 -14.29 27.51 -24.29
CA ARG A 14 -13.33 28.40 -24.89
C ARG A 14 -13.97 29.75 -25.24
N PRO A 15 -13.05 30.74 -25.54
CA PRO A 15 -13.60 32.09 -25.83
C PRO A 15 -14.89 32.19 -26.62
N GLY A 16 -14.90 31.66 -27.83
CA GLY A 16 -16.09 31.74 -28.65
C GLY A 16 -16.83 30.44 -28.81
N LEU A 17 -16.11 29.32 -28.84
CA LEU A 17 -16.80 28.04 -29.02
C LEU A 17 -18.16 28.17 -28.35
N GLU A 18 -19.21 27.69 -28.97
CA GLU A 18 -20.54 27.88 -28.37
C GLU A 18 -20.74 26.95 -27.18
N GLU A 19 -20.46 25.67 -27.34
CA GLU A 19 -20.72 24.72 -26.27
C GLU A 19 -19.49 23.90 -25.94
N PRO A 20 -19.36 23.45 -24.69
CA PRO A 20 -18.09 22.88 -24.23
C PRO A 20 -17.74 21.56 -24.91
N ARG A 21 -16.44 21.27 -24.92
CA ARG A 21 -15.92 20.00 -25.40
C ARG A 21 -15.73 19.06 -24.23
N TYR A 22 -16.19 17.81 -24.39
CA TYR A 22 -16.21 16.85 -23.30
C TYR A 22 -15.36 15.63 -23.65
N ILE A 23 -14.46 15.25 -22.76
CA ILE A 23 -13.54 14.13 -22.95
C ILE A 23 -13.56 13.27 -21.70
N SER A 24 -13.71 11.96 -21.89
CA SER A 24 -13.67 11.00 -20.79
C SER A 24 -12.69 9.89 -21.13
N VAL A 25 -11.74 9.65 -20.22
CA VAL A 25 -10.73 8.62 -20.40
C VAL A 25 -10.83 7.65 -19.24
N GLY A 26 -10.85 6.35 -19.55
CA GLY A 26 -10.91 5.30 -18.55
C GLY A 26 -9.56 4.60 -18.44
N TYR A 27 -9.17 4.29 -17.21
CA TYR A 27 -7.90 3.62 -16.94
C TYR A 27 -8.16 2.40 -16.07
N VAL A 28 -7.49 1.29 -16.42
CA VAL A 28 -7.38 0.13 -15.55
C VAL A 28 -5.91 -0.08 -15.26
N ASP A 29 -5.57 -0.10 -13.97
CA ASP A 29 -4.17 -0.22 -13.53
C ASP A 29 -3.31 0.85 -14.19
N ASN A 30 -3.84 2.07 -14.23
CA ASN A 30 -3.11 3.26 -14.71
C ASN A 30 -2.74 3.15 -16.19
N LYS A 31 -3.53 2.42 -16.97
CA LYS A 31 -3.36 2.36 -18.41
C LYS A 31 -4.72 2.53 -19.08
N GLU A 32 -4.72 3.27 -20.19
CA GLU A 32 -5.96 3.66 -20.86
C GLU A 32 -6.60 2.47 -21.57
N PHE A 33 -7.92 2.31 -21.38
CA PHE A 33 -8.65 1.22 -22.03
C PHE A 33 -9.95 1.65 -22.72
N VAL A 34 -10.51 2.81 -22.39
CA VAL A 34 -11.64 3.37 -23.13
C VAL A 34 -11.47 4.88 -23.23
N ARG A 35 -12.11 5.48 -24.24
CA ARG A 35 -12.08 6.93 -24.41
C ARG A 35 -13.31 7.39 -25.17
N PHE A 36 -13.86 8.53 -24.73
CA PHE A 36 -14.96 9.21 -25.38
C PHE A 36 -14.55 10.66 -25.63
N ASP A 37 -14.96 11.21 -26.77
CA ASP A 37 -14.61 12.59 -27.12
C ASP A 37 -15.76 13.19 -27.92
N SER A 38 -16.32 14.29 -27.43
CA SER A 38 -17.45 14.93 -28.10
C SER A 38 -17.05 15.62 -29.40
N ASP A 39 -15.77 15.75 -29.69
CA ASP A 39 -15.34 16.37 -30.94
C ASP A 39 -15.43 15.42 -32.12
N ALA A 40 -15.38 14.12 -31.89
CA ALA A 40 -15.33 13.15 -32.97
C ALA A 40 -16.60 13.22 -33.83
N GLU A 41 -16.47 12.69 -35.04
CA GLU A 41 -17.57 12.66 -36.00
C GLU A 41 -18.80 12.00 -35.39
N ASN A 42 -18.66 10.74 -34.97
CA ASN A 42 -19.71 9.97 -34.29
C ASN A 42 -19.23 9.76 -32.86
N PRO A 43 -19.52 10.70 -31.96
CA PRO A 43 -18.99 10.59 -30.58
C PRO A 43 -19.47 9.32 -29.89
N ARG A 44 -18.51 8.53 -29.43
CA ARG A 44 -18.82 7.25 -28.80
C ARG A 44 -17.66 6.87 -27.89
N TYR A 45 -17.94 5.95 -26.98
CA TYR A 45 -16.86 5.29 -26.27
C TYR A 45 -16.19 4.30 -27.21
N GLU A 46 -14.86 4.38 -27.31
CA GLU A 46 -14.10 3.53 -28.19
C GLU A 46 -13.11 2.70 -27.39
N PRO A 47 -12.86 1.45 -27.77
CA PRO A 47 -11.81 0.67 -27.10
C PRO A 47 -10.44 1.24 -27.41
N ARG A 48 -9.59 1.27 -26.39
CA ARG A 48 -8.24 1.80 -26.50
C ARG A 48 -7.18 0.76 -26.15
N ALA A 49 -7.59 -0.47 -25.89
CA ALA A 49 -6.71 -1.59 -25.62
C ALA A 49 -7.32 -2.82 -26.29
N PRO A 50 -6.49 -3.73 -26.83
CA PRO A 50 -7.04 -4.84 -27.61
C PRO A 50 -7.97 -5.75 -26.81
N TRP A 51 -7.72 -5.94 -25.52
CA TRP A 51 -8.56 -6.82 -24.71
C TRP A 51 -9.96 -6.27 -24.47
N MET A 52 -10.20 -4.99 -24.74
CA MET A 52 -11.55 -4.44 -24.58
C MET A 52 -12.48 -4.77 -25.74
N GLU A 53 -11.94 -5.26 -26.87
CA GLU A 53 -12.78 -5.51 -28.04
C GLU A 53 -13.80 -6.63 -27.81
N GLN A 54 -13.59 -7.47 -26.79
CA GLN A 54 -14.52 -8.59 -26.59
C GLN A 54 -15.86 -8.15 -26.00
N GLU A 55 -16.02 -6.89 -25.64
CA GLU A 55 -17.32 -6.37 -25.26
C GLU A 55 -18.17 -6.10 -26.49
N GLY A 56 -19.46 -6.41 -26.39
CA GLY A 56 -20.37 -6.30 -27.51
C GLY A 56 -20.97 -4.92 -27.70
N PRO A 57 -21.90 -4.79 -28.64
CA PRO A 57 -22.40 -3.45 -29.00
C PRO A 57 -23.17 -2.76 -27.88
N GLU A 58 -24.06 -3.47 -27.17
CA GLU A 58 -24.86 -2.81 -26.16
C GLU A 58 -24.06 -2.46 -24.90
N TYR A 59 -22.85 -2.98 -24.74
CA TYR A 59 -21.93 -2.41 -23.75
C TYR A 59 -21.52 -1.01 -24.18
N TRP A 60 -21.01 -0.88 -25.41
CA TRP A 60 -20.55 0.41 -25.90
C TRP A 60 -21.70 1.40 -26.03
N GLU A 61 -22.90 0.92 -26.39
CA GLU A 61 -24.04 1.82 -26.50
C GLU A 61 -24.46 2.34 -25.13
N ARG A 62 -24.37 1.50 -24.09
CA ARG A 62 -24.73 1.93 -22.74
C ARG A 62 -23.71 2.91 -22.19
N GLU A 63 -22.42 2.64 -22.38
CA GLU A 63 -21.39 3.57 -21.96
C GLU A 63 -21.52 4.91 -22.67
N THR A 64 -21.77 4.88 -23.98
CA THR A 64 -21.86 6.11 -24.76
C THR A 64 -23.05 6.96 -24.33
N GLN A 65 -24.20 6.32 -24.10
CA GLN A 65 -25.37 7.06 -23.65
C GLN A 65 -25.12 7.72 -22.29
N LYS A 66 -24.31 7.09 -21.43
CA LYS A 66 -23.93 7.73 -20.18
C LYS A 66 -23.02 8.93 -20.42
N ALA A 67 -22.08 8.81 -21.36
CA ALA A 67 -21.17 9.91 -21.67
C ALA A 67 -21.91 11.11 -22.26
N LYS A 68 -23.08 10.88 -22.88
CA LYS A 68 -23.88 12.01 -23.37
C LYS A 68 -24.60 12.71 -22.22
N GLY A 69 -25.02 11.95 -21.21
CA GLY A 69 -25.55 12.58 -20.01
C GLY A 69 -24.50 13.39 -19.28
N GLN A 70 -23.31 12.80 -19.11
CA GLN A 70 -22.20 13.52 -18.49
C GLN A 70 -21.92 14.82 -19.22
N GLU A 71 -21.93 14.80 -20.55
CA GLU A 71 -21.68 15.99 -21.35
C GLU A 71 -22.64 17.11 -20.97
N GLN A 72 -23.93 16.78 -20.84
CA GLN A 72 -24.91 17.77 -20.42
C GLN A 72 -24.68 18.19 -18.96
N TRP A 73 -24.42 17.22 -18.08
CA TRP A 73 -24.18 17.52 -16.68
C TRP A 73 -23.03 18.50 -16.51
N PHE A 74 -21.93 18.29 -17.25
CA PHE A 74 -20.80 19.20 -17.19
C PHE A 74 -21.15 20.56 -17.78
N ARG A 75 -21.95 20.58 -18.84
CA ARG A 75 -22.35 21.84 -19.47
C ARG A 75 -23.12 22.71 -18.48
N VAL A 76 -24.10 22.11 -17.79
CA VAL A 76 -24.88 22.86 -16.81
C VAL A 76 -24.00 23.29 -15.64
N SER A 77 -23.12 22.40 -15.19
CA SER A 77 -22.25 22.73 -14.06
C SER A 77 -21.26 23.84 -14.41
N LEU A 78 -20.72 23.82 -15.64
CA LEU A 78 -19.87 24.93 -16.07
C LEU A 78 -20.63 26.25 -16.03
N ARG A 79 -21.92 26.21 -16.34
CA ARG A 79 -22.72 27.44 -16.35
C ARG A 79 -22.98 27.93 -14.93
N ASN A 80 -23.34 27.01 -14.03
CA ASN A 80 -23.56 27.40 -12.64
C ASN A 80 -22.28 27.92 -12.00
N LEU A 81 -21.15 27.24 -12.26
CA LEU A 81 -19.87 27.66 -11.69
C LEU A 81 -19.51 29.06 -12.13
N LEU A 82 -19.87 29.43 -13.36
CA LEU A 82 -19.60 30.78 -13.86
C LEU A 82 -20.21 31.84 -12.95
N GLY A 83 -21.42 31.59 -12.43
CA GLY A 83 -22.07 32.54 -11.56
C GLY A 83 -21.61 32.49 -10.12
N TYR A 84 -21.24 31.30 -9.63
CA TYR A 84 -20.71 31.18 -8.27
C TYR A 84 -19.46 32.04 -8.09
N TYR A 85 -18.61 32.10 -9.11
CA TYR A 85 -17.36 32.85 -9.03
C TYR A 85 -17.45 34.23 -9.64
N ASN A 86 -18.65 34.67 -10.03
CA ASN A 86 -18.86 35.99 -10.62
C ASN A 86 -17.93 36.22 -11.81
N GLN A 87 -17.73 35.17 -12.60
CA GLN A 87 -16.97 35.28 -13.82
C GLN A 87 -17.86 35.78 -14.94
N SER A 88 -17.33 36.68 -15.77
CA SER A 88 -18.09 37.21 -16.88
C SER A 88 -17.97 36.28 -18.10
N ALA A 89 -18.66 36.63 -19.18
CA ALA A 89 -18.56 35.88 -20.41
C ALA A 89 -17.26 36.24 -21.14
N GLY A 90 -16.86 35.36 -22.05
CA GLY A 90 -15.67 35.59 -22.84
C GLY A 90 -14.38 35.15 -22.21
N GLY A 91 -14.39 34.06 -21.43
CA GLY A 91 -13.19 33.46 -20.90
C GLY A 91 -13.10 31.98 -21.28
N SER A 92 -12.00 31.38 -20.87
CA SER A 92 -11.78 29.95 -21.03
C SER A 92 -11.86 29.29 -19.67
N HIS A 93 -12.72 28.27 -19.55
CA HIS A 93 -12.94 27.59 -18.28
C HIS A 93 -12.87 26.09 -18.47
N THR A 94 -12.47 25.40 -17.41
CA THR A 94 -12.27 23.96 -17.42
C THR A 94 -12.91 23.33 -16.19
N LEU A 95 -13.51 22.15 -16.38
CA LEU A 95 -14.05 21.36 -15.30
C LEU A 95 -13.49 19.95 -15.42
N GLN A 96 -13.03 19.39 -14.31
CA GLN A 96 -12.33 18.11 -14.33
C GLN A 96 -12.88 17.20 -13.25
N GLN A 97 -12.76 15.89 -13.48
CA GLN A 97 -13.25 14.89 -12.54
C GLN A 97 -12.38 13.65 -12.59
N MET A 98 -12.07 13.12 -11.41
CA MET A 98 -11.43 11.82 -11.24
C MET A 98 -12.30 10.98 -10.34
N SER A 99 -12.69 9.80 -10.82
CA SER A 99 -13.43 8.84 -10.03
C SER A 99 -12.82 7.46 -10.23
N GLY A 100 -13.06 6.56 -9.29
CA GLY A 100 -12.55 5.21 -9.42
C GLY A 100 -12.36 4.54 -8.07
N CYS A 101 -11.83 3.33 -8.14
CA CYS A 101 -11.67 2.47 -6.97
C CYS A 101 -10.28 1.86 -6.97
N ASP A 102 -9.76 1.63 -5.76
CA ASP A 102 -8.51 0.92 -5.54
C ASP A 102 -8.80 -0.42 -4.89
N LEU A 103 -8.19 -1.48 -5.44
CA LEU A 103 -8.30 -2.81 -4.87
C LEU A 103 -6.95 -3.27 -4.35
N GLY A 104 -6.98 -4.04 -3.27
CA GLY A 104 -5.79 -4.68 -2.76
C GLY A 104 -5.47 -5.96 -3.53
N SER A 105 -4.36 -6.58 -3.15
CA SER A 105 -3.97 -7.84 -3.78
C SER A 105 -5.02 -8.93 -3.61
N ASP A 106 -5.91 -8.80 -2.63
CA ASP A 106 -7.01 -9.72 -2.44
C ASP A 106 -8.25 -9.35 -3.25
N TRP A 107 -8.13 -8.34 -4.12
CA TRP A 107 -9.21 -7.86 -4.99
C TRP A 107 -10.37 -7.23 -4.24
N ARG A 108 -10.17 -6.83 -2.99
CA ARG A 108 -11.20 -6.17 -2.20
C ARG A 108 -11.00 -4.66 -2.24
N LEU A 109 -12.09 -3.92 -2.06
CA LEU A 109 -12.06 -2.47 -2.14
C LEU A 109 -11.18 -1.88 -1.05
N LEU A 110 -10.14 -1.15 -1.44
CA LEU A 110 -9.34 -0.39 -0.50
C LEU A 110 -9.89 1.02 -0.30
N ARG A 111 -10.20 1.72 -1.39
CA ARG A 111 -10.63 3.10 -1.30
C ARG A 111 -11.33 3.53 -2.58
N GLY A 112 -12.42 4.29 -2.41
CA GLY A 112 -13.08 4.92 -3.52
C GLY A 112 -12.63 6.37 -3.69
N TYR A 113 -12.93 6.94 -4.86
CA TYR A 113 -12.51 8.29 -5.18
C TYR A 113 -13.59 9.00 -5.99
N LEU A 114 -13.79 10.28 -5.67
CA LEU A 114 -14.59 11.16 -6.51
C LEU A 114 -14.16 12.59 -6.19
N GLN A 115 -13.45 13.22 -7.11
CA GLN A 115 -12.89 14.54 -6.91
C GLN A 115 -13.19 15.42 -8.11
N PHE A 116 -13.32 16.72 -7.86
CA PHE A 116 -13.61 17.69 -8.92
C PHE A 116 -12.65 18.87 -8.80
N ALA A 117 -12.32 19.44 -9.96
CA ALA A 117 -11.49 20.63 -10.04
C ALA A 117 -12.08 21.59 -11.04
N TYR A 118 -12.21 22.85 -10.65
CA TYR A 118 -12.58 23.94 -11.55
C TYR A 118 -11.38 24.82 -11.77
N GLU A 119 -11.08 25.12 -13.04
CA GLU A 119 -9.90 25.88 -13.43
C GLU A 119 -8.61 25.19 -12.98
N GLY A 120 -8.62 23.87 -12.92
CA GLY A 120 -7.44 23.13 -12.53
C GLY A 120 -7.13 23.14 -11.05
N ARG A 121 -8.03 23.65 -10.22
CA ARG A 121 -7.84 23.72 -8.78
C ARG A 121 -8.96 22.99 -8.07
N ASP A 122 -8.63 22.38 -6.94
CA ASP A 122 -9.59 21.60 -6.16
C ASP A 122 -10.86 22.38 -5.91
N TYR A 123 -12.01 21.77 -6.21
CA TYR A 123 -13.30 22.39 -5.99
C TYR A 123 -14.10 21.69 -4.91
N ILE A 124 -14.44 20.42 -5.12
CA ILE A 124 -15.14 19.61 -4.12
C ILE A 124 -14.68 18.17 -4.29
N ALA A 125 -14.67 17.42 -3.19
CA ALA A 125 -14.23 16.04 -3.23
C ALA A 125 -14.99 15.23 -2.20
N LEU A 126 -15.25 13.96 -2.54
CA LEU A 126 -15.87 13.03 -1.60
C LEU A 126 -14.81 12.49 -0.66
N ASN A 127 -15.09 12.53 0.64
CA ASN A 127 -14.13 12.07 1.62
C ASN A 127 -14.04 10.55 1.60
N GLU A 128 -12.96 10.03 2.20
CA GLU A 128 -12.69 8.60 2.20
C GLU A 128 -13.87 7.78 2.74
N ASP A 129 -14.64 8.36 3.67
CA ASP A 129 -15.80 7.66 4.22
C ASP A 129 -16.94 7.53 3.22
N LEU A 130 -16.85 8.16 2.05
CA LEU A 130 -17.87 8.12 1.01
C LEU A 130 -19.22 8.63 1.51
N LYS A 131 -19.22 9.45 2.55
CA LYS A 131 -20.43 10.00 3.13
C LYS A 131 -20.45 11.52 3.19
N THR A 132 -19.29 12.16 3.39
CA THR A 132 -19.20 13.60 3.57
C THR A 132 -18.29 14.19 2.50
N TRP A 133 -18.39 15.51 2.34
CA TRP A 133 -17.68 16.23 1.30
C TRP A 133 -16.71 17.24 1.89
N THR A 134 -15.59 17.43 1.20
CA THR A 134 -14.65 18.51 1.48
C THR A 134 -14.71 19.52 0.35
N ALA A 135 -14.94 20.79 0.69
CA ALA A 135 -14.98 21.88 -0.27
C ALA A 135 -14.35 23.09 0.38
N ALA A 136 -13.23 23.55 -0.18
CA ALA A 136 -12.47 24.62 0.45
C ALA A 136 -13.01 26.00 0.07
N ASP A 137 -13.26 26.23 -1.21
CA ASP A 137 -13.67 27.55 -1.67
C ASP A 137 -15.00 27.96 -1.07
N MET A 138 -15.17 29.27 -0.88
CA MET A 138 -16.46 29.80 -0.43
C MET A 138 -17.52 29.62 -1.50
N ALA A 139 -17.15 29.75 -2.77
CA ALA A 139 -18.09 29.47 -3.87
C ALA A 139 -18.50 28.01 -3.92
N ALA A 140 -17.70 27.10 -3.34
CA ALA A 140 -17.98 25.67 -3.39
C ALA A 140 -18.94 25.21 -2.30
N GLN A 141 -19.18 26.03 -1.28
CA GLN A 141 -20.11 25.63 -0.22
C GLN A 141 -21.52 25.50 -0.77
N ILE A 142 -21.88 26.33 -1.76
CA ILE A 142 -23.18 26.22 -2.41
C ILE A 142 -23.38 24.81 -2.95
N THR A 143 -22.34 24.27 -3.60
CA THR A 143 -22.43 22.92 -4.14
C THR A 143 -22.44 21.88 -3.03
N ARG A 144 -21.64 22.09 -1.97
CA ARG A 144 -21.63 21.13 -0.88
C ARG A 144 -22.99 21.04 -0.21
N ARG A 145 -23.67 22.16 -0.03
CA ARG A 145 -24.99 22.13 0.61
C ARG A 145 -26.02 21.45 -0.28
N LYS A 146 -26.00 21.75 -1.59
CA LYS A 146 -26.90 21.09 -2.52
C LYS A 146 -26.73 19.57 -2.49
N TRP A 147 -25.48 19.10 -2.49
CA TRP A 147 -25.24 17.67 -2.55
C TRP A 147 -25.49 16.98 -1.21
N GLU A 148 -25.50 17.74 -0.11
CA GLU A 148 -25.88 17.15 1.19
C GLU A 148 -27.39 17.03 1.33
N GLN A 149 -28.14 18.05 0.88
CA GLN A 149 -29.59 17.96 0.98
C GLN A 149 -30.15 16.91 0.03
N SER A 150 -29.56 16.77 -1.16
CA SER A 150 -30.02 15.76 -2.12
C SER A 150 -29.49 14.37 -1.83
N GLY A 151 -28.54 14.22 -0.91
CA GLY A 151 -28.00 12.91 -0.60
C GLY A 151 -27.20 12.27 -1.71
N ALA A 152 -26.47 13.07 -2.49
CA ALA A 152 -25.77 12.55 -3.66
C ALA A 152 -24.67 11.58 -3.28
N ALA A 153 -24.09 11.72 -2.08
CA ALA A 153 -22.99 10.84 -1.66
C ALA A 153 -23.42 9.38 -1.63
N GLU A 154 -24.68 9.11 -1.28
CA GLU A 154 -25.17 7.73 -1.25
C GLU A 154 -25.13 7.11 -2.64
N HIS A 155 -25.49 7.88 -3.68
CA HIS A 155 -25.45 7.36 -5.04
C HIS A 155 -24.04 6.98 -5.43
N TYR A 156 -23.05 7.82 -5.12
CA TYR A 156 -21.67 7.56 -5.52
C TYR A 156 -21.03 6.49 -4.66
N LYS A 157 -21.41 6.37 -3.38
CA LYS A 157 -20.91 5.27 -2.56
C LYS A 157 -21.34 3.93 -3.12
N ALA A 158 -22.61 3.82 -3.54
CA ALA A 158 -23.08 2.57 -4.13
C ALA A 158 -22.32 2.25 -5.41
N TYR A 159 -22.06 3.25 -6.25
CA TYR A 159 -21.31 3.01 -7.48
C TYR A 159 -19.88 2.56 -7.18
N LEU A 160 -19.22 3.22 -6.23
CA LEU A 160 -17.82 2.92 -5.96
C LEU A 160 -17.64 1.55 -5.31
N GLU A 161 -18.51 1.20 -4.36
CA GLU A 161 -18.42 -0.09 -3.69
C GLU A 161 -18.98 -1.23 -4.52
N GLY A 162 -19.89 -0.94 -5.46
CA GLY A 162 -20.47 -1.99 -6.28
C GLY A 162 -19.94 -2.05 -7.69
N GLU A 163 -20.51 -1.24 -8.58
CA GLU A 163 -20.21 -1.34 -10.01
C GLU A 163 -18.73 -1.11 -10.30
N CYS A 164 -18.11 -0.11 -9.65
CA CYS A 164 -16.69 0.13 -9.85
C CYS A 164 -15.88 -1.14 -9.57
N VAL A 165 -16.21 -1.84 -8.49
CA VAL A 165 -15.43 -3.01 -8.08
C VAL A 165 -15.70 -4.19 -9.02
N GLU A 166 -16.97 -4.49 -9.25
CA GLU A 166 -17.33 -5.69 -9.99
C GLU A 166 -16.93 -5.60 -11.45
N TRP A 167 -17.06 -4.42 -12.06
CA TRP A 167 -16.64 -4.28 -13.45
C TRP A 167 -15.12 -4.26 -13.58
N LEU A 168 -14.42 -3.82 -12.54
CA LEU A 168 -12.96 -3.94 -12.53
C LEU A 168 -12.53 -5.39 -12.48
N HIS A 169 -13.21 -6.21 -11.67
CA HIS A 169 -12.93 -7.65 -11.67
C HIS A 169 -13.10 -8.24 -13.06
N ARG A 170 -14.21 -7.88 -13.73
CA ARG A 170 -14.46 -8.37 -15.09
C ARG A 170 -13.35 -7.91 -16.03
N TYR A 171 -12.95 -6.64 -15.93
CA TYR A 171 -11.85 -6.15 -16.76
C TYR A 171 -10.55 -6.86 -16.43
N LEU A 172 -10.28 -7.08 -15.14
CA LEU A 172 -9.03 -7.73 -14.74
C LEU A 172 -8.95 -9.14 -15.32
N LYS A 173 -10.00 -9.94 -15.13
CA LYS A 173 -10.05 -11.28 -15.70
C LYS A 173 -9.76 -11.25 -17.21
N ASN A 174 -10.55 -10.47 -17.95
CA ASN A 174 -10.41 -10.43 -19.40
C ASN A 174 -9.05 -9.90 -19.83
N GLY A 175 -8.39 -9.12 -18.99
CA GLY A 175 -7.10 -8.56 -19.34
C GLY A 175 -5.95 -9.05 -18.48
N ASN A 176 -6.22 -10.03 -17.61
CA ASN A 176 -5.22 -10.55 -16.67
C ASN A 176 -3.94 -11.00 -17.38
N ARG A 181 1.66 -6.89 -16.02
CA ARG A 181 3.04 -7.08 -16.45
C ARG A 181 3.88 -5.85 -16.13
N THR A 182 5.13 -6.09 -15.73
CA THR A 182 6.10 -5.03 -15.50
C THR A 182 7.35 -5.30 -16.32
N ASP A 183 8.01 -4.23 -16.74
CA ASP A 183 9.27 -4.30 -17.47
C ASP A 183 10.37 -3.70 -16.61
N SER A 184 11.41 -4.49 -16.35
CA SER A 184 12.50 -4.04 -15.51
C SER A 184 13.45 -3.14 -16.29
N PRO A 185 14.09 -2.18 -15.63
CA PRO A 185 15.00 -1.27 -16.34
C PRO A 185 16.30 -1.94 -16.73
N LYS A 186 16.86 -1.49 -17.84
CA LYS A 186 18.22 -1.80 -18.25
C LYS A 186 19.04 -0.51 -18.11
N ALA A 187 20.10 -0.55 -17.31
CA ALA A 187 20.80 0.65 -16.91
C ALA A 187 22.23 0.67 -17.44
N HIS A 188 22.74 1.88 -17.68
CA HIS A 188 24.11 2.07 -18.15
C HIS A 188 24.55 3.49 -17.83
N VAL A 189 25.87 3.68 -17.73
CA VAL A 189 26.48 4.94 -17.37
C VAL A 189 27.25 5.50 -18.56
N THR A 190 27.16 6.81 -18.77
CA THR A 190 27.85 7.47 -19.88
C THR A 190 28.78 8.56 -19.36
N HIS A 191 29.71 8.95 -20.22
CA HIS A 191 30.87 9.76 -19.86
C HIS A 191 30.89 11.03 -20.71
N HIS A 192 30.99 12.20 -20.05
CA HIS A 192 30.98 13.47 -20.77
C HIS A 192 31.93 14.48 -20.13
N PRO A 193 32.91 14.99 -20.89
CA PRO A 193 33.85 15.96 -20.33
C PRO A 193 33.20 17.26 -19.91
N ARG A 194 33.79 17.90 -18.90
CA ARG A 194 33.35 19.18 -18.36
C ARG A 194 34.57 20.08 -18.20
N LYS A 196 37.31 21.61 -19.03
CA LYS A 196 38.58 20.95 -18.77
C LYS A 196 38.76 20.67 -17.27
N GLY A 197 39.30 19.50 -16.96
CA GLY A 197 39.58 19.12 -15.60
C GLY A 197 38.44 18.46 -14.85
N GLU A 198 37.29 18.25 -15.50
CA GLU A 198 36.15 17.63 -14.85
C GLU A 198 35.40 16.76 -15.85
N VAL A 199 34.48 15.95 -15.32
CA VAL A 199 33.69 15.03 -16.13
C VAL A 199 32.36 14.79 -15.44
N THR A 200 31.30 14.69 -16.23
CA THR A 200 29.98 14.31 -15.75
C THR A 200 29.71 12.84 -16.10
N LEU A 201 29.16 12.11 -15.13
CA LEU A 201 28.70 10.75 -15.35
C LEU A 201 27.17 10.74 -15.28
N ARG A 202 26.53 10.09 -16.25
CA ARG A 202 25.08 10.11 -16.38
C ARG A 202 24.57 8.67 -16.35
N CYS A 203 23.83 8.33 -15.29
CA CYS A 203 23.26 6.99 -15.14
C CYS A 203 21.91 6.94 -15.85
N TRP A 204 21.81 6.10 -16.87
CA TRP A 204 20.59 5.94 -17.63
C TRP A 204 19.77 4.76 -17.12
N ALA A 205 18.46 4.90 -17.20
CA ALA A 205 17.53 3.79 -16.99
C ALA A 205 16.59 3.77 -18.18
N LEU A 206 16.45 2.61 -18.81
CA LEU A 206 15.71 2.50 -20.06
C LEU A 206 14.78 1.29 -20.03
N GLY A 207 13.71 1.39 -20.81
CA GLY A 207 12.83 0.26 -21.06
C GLY A 207 12.05 -0.25 -19.86
N PHE A 208 11.85 0.57 -18.83
CA PHE A 208 11.17 0.10 -17.64
C PHE A 208 9.69 0.48 -17.65
N TYR A 209 8.90 -0.35 -16.97
CA TYR A 209 7.47 -0.16 -16.75
C TYR A 209 7.09 -0.88 -15.47
N PRO A 210 6.30 -0.25 -14.58
CA PRO A 210 5.70 1.09 -14.73
C PRO A 210 6.66 2.25 -14.53
N ALA A 211 6.11 3.46 -14.48
CA ALA A 211 6.93 4.67 -14.55
C ALA A 211 7.69 4.96 -13.26
N ASP A 212 7.15 4.57 -12.11
CA ASP A 212 7.80 4.84 -10.82
C ASP A 212 9.20 4.24 -10.82
N ILE A 213 10.19 5.07 -10.46
CA ILE A 213 11.58 4.64 -10.45
C ILE A 213 12.38 5.63 -9.62
N THR A 214 13.51 5.18 -9.08
CA THR A 214 14.43 6.01 -8.31
C THR A 214 15.85 5.74 -8.77
N LEU A 215 16.59 6.81 -9.06
CA LEU A 215 17.99 6.73 -9.44
C LEU A 215 18.81 7.54 -8.45
N THR A 216 19.82 6.91 -7.85
CA THR A 216 20.69 7.59 -6.92
C THR A 216 22.15 7.43 -7.33
N TRP A 217 22.98 8.33 -6.82
CA TRP A 217 24.43 8.28 -6.96
C TRP A 217 25.04 8.34 -5.56
N GLN A 218 26.06 7.53 -5.32
CA GLN A 218 26.75 7.53 -4.03
C GLN A 218 28.24 7.67 -4.23
N LEU A 219 28.88 8.40 -3.33
CA LEU A 219 30.32 8.58 -3.40
C LEU A 219 30.94 7.59 -2.41
N ASN A 220 31.24 6.39 -2.90
CA ASN A 220 31.83 5.34 -2.09
C ASN A 220 31.26 5.28 -0.67
N GLY A 221 29.97 5.57 -0.54
CA GLY A 221 29.34 5.54 0.77
C GLY A 221 27.98 6.20 0.94
N GLU A 222 27.98 7.51 1.17
CA GLU A 222 26.75 8.25 1.42
C GLU A 222 26.12 8.74 0.11
N GLU A 223 24.80 8.91 0.15
CA GLU A 223 24.07 9.37 -1.02
C GLU A 223 24.44 10.81 -1.36
N LEU A 224 24.22 11.16 -2.62
CA LEU A 224 24.43 12.51 -3.12
C LEU A 224 23.06 13.10 -3.45
N THR A 225 22.63 14.08 -2.66
CA THR A 225 21.34 14.74 -2.87
C THR A 225 21.51 16.10 -3.52
N GLN A 226 22.25 17.01 -2.89
CA GLN A 226 22.82 18.13 -3.63
C GLN A 226 23.77 17.59 -4.68
N ASP A 227 24.06 18.41 -5.69
CA ASP A 227 24.93 18.10 -6.83
C ASP A 227 24.25 17.20 -7.86
N MET A 228 23.03 16.72 -7.62
CA MET A 228 22.40 15.72 -8.46
C MET A 228 21.51 16.38 -9.50
N GLU A 229 21.85 16.21 -10.77
CA GLU A 229 21.02 16.65 -11.89
C GLU A 229 20.27 15.46 -12.46
N LEU A 230 18.99 15.65 -12.73
CA LEU A 230 18.14 14.57 -13.23
C LEU A 230 17.18 15.13 -14.27
N VAL A 231 16.30 14.27 -14.77
CA VAL A 231 15.15 14.67 -15.57
C VAL A 231 13.94 13.93 -15.02
N GLU A 232 12.77 14.50 -15.27
CA GLU A 232 11.53 13.83 -14.90
C GLU A 232 11.33 12.62 -15.80
N THR A 233 10.79 11.54 -15.22
CA THR A 233 10.54 10.32 -15.97
C THR A 233 9.67 10.62 -17.18
N ARG A 234 10.04 10.04 -18.32
CA ARG A 234 9.43 10.40 -19.59
C ARG A 234 9.13 9.16 -20.41
N PRO A 235 8.06 9.17 -21.20
CA PRO A 235 7.68 7.99 -21.99
C PRO A 235 8.56 7.82 -23.23
N ALA A 236 9.01 6.59 -23.46
CA ALA A 236 9.69 6.28 -24.71
C ALA A 236 8.74 6.35 -25.90
N GLY A 237 7.45 6.15 -25.66
CA GLY A 237 6.46 6.07 -26.71
C GLY A 237 6.03 4.68 -27.07
N ASP A 238 6.78 3.67 -26.64
CA ASP A 238 6.49 2.26 -26.92
C ASP A 238 5.82 1.55 -25.75
N GLY A 239 5.45 2.29 -24.70
CA GLY A 239 4.91 1.72 -23.49
C GLY A 239 5.87 1.73 -22.32
N THR A 240 7.17 1.85 -22.58
CA THR A 240 8.18 1.90 -21.53
C THR A 240 8.53 3.37 -21.23
N PHE A 241 9.41 3.56 -20.24
CA PHE A 241 9.78 4.89 -19.79
C PHE A 241 11.30 5.00 -19.70
N GLN A 242 11.77 6.24 -19.55
CA GLN A 242 13.19 6.54 -19.43
C GLN A 242 13.41 7.50 -18.29
N LYS A 243 14.66 7.56 -17.83
CA LYS A 243 15.09 8.55 -16.84
C LYS A 243 16.61 8.47 -16.76
N TRP A 244 17.22 9.59 -16.34
CA TRP A 244 18.63 9.56 -16.00
C TRP A 244 18.91 10.54 -14.87
N ALA A 245 20.03 10.31 -14.18
CA ALA A 245 20.53 11.18 -13.14
C ALA A 245 22.03 11.29 -13.30
N SER A 246 22.57 12.50 -13.08
CA SER A 246 23.97 12.76 -13.34
C SER A 246 24.59 13.52 -12.18
N VAL A 247 25.92 13.42 -12.07
CA VAL A 247 26.71 14.16 -11.11
C VAL A 247 28.01 14.58 -11.78
N VAL A 248 28.57 15.69 -11.33
CA VAL A 248 29.87 16.16 -11.79
C VAL A 248 30.95 15.57 -10.89
N VAL A 249 32.05 15.12 -11.49
CA VAL A 249 33.04 14.31 -10.78
C VAL A 249 34.45 14.69 -11.22
N PRO A 250 35.44 14.70 -10.32
CA PRO A 250 36.84 14.87 -10.76
C PRO A 250 37.27 13.76 -11.72
N LEU A 251 38.09 14.13 -12.71
CA LEU A 251 38.39 13.27 -13.85
C LEU A 251 38.99 11.93 -13.48
N GLY A 252 39.71 11.82 -12.37
CA GLY A 252 40.30 10.57 -11.96
C GLY A 252 39.49 9.74 -10.99
N LYS A 253 38.28 10.19 -10.64
CA LYS A 253 37.48 9.56 -9.60
C LYS A 253 36.21 8.92 -10.15
N GLU A 254 36.27 8.39 -11.38
CA GLU A 254 35.07 7.79 -11.97
C GLU A 254 34.57 6.60 -11.17
N GLN A 255 35.49 5.77 -10.67
CA GLN A 255 35.14 4.51 -10.03
C GLN A 255 34.78 4.67 -8.55
N ASN A 256 34.93 5.86 -7.97
CA ASN A 256 34.44 6.14 -6.62
C ASN A 256 32.99 6.59 -6.61
N TYR A 257 32.29 6.41 -7.73
CA TYR A 257 30.90 6.80 -7.84
C TYR A 257 30.09 5.64 -8.38
N THR A 258 28.92 5.42 -7.77
CA THR A 258 28.12 4.23 -8.03
C THR A 258 26.66 4.63 -8.22
N CYS A 259 26.05 4.17 -9.30
CA CYS A 259 24.65 4.43 -9.57
C CYS A 259 23.80 3.29 -9.03
N ARG A 260 22.72 3.63 -8.35
CA ARG A 260 21.72 2.66 -7.90
C ARG A 260 20.41 2.90 -8.63
N VAL A 261 19.72 1.82 -8.98
CA VAL A 261 18.46 1.87 -9.70
C VAL A 261 17.44 1.06 -8.90
N TYR A 262 16.35 1.70 -8.51
CA TYR A 262 15.27 1.07 -7.76
C TYR A 262 14.01 1.05 -8.61
N HIS A 263 13.43 -0.14 -8.76
CA HIS A 263 12.21 -0.29 -9.54
C HIS A 263 11.46 -1.50 -9.01
N GLU A 264 10.12 -1.46 -9.11
CA GLU A 264 9.30 -2.53 -8.55
C GLU A 264 9.42 -3.84 -9.31
N GLY A 265 10.00 -3.84 -10.50
CA GLY A 265 10.15 -5.04 -11.29
C GLY A 265 11.44 -5.80 -11.10
N LEU A 266 12.35 -5.29 -10.29
CA LEU A 266 13.65 -5.91 -10.05
C LEU A 266 13.60 -6.85 -8.86
N PRO A 267 14.40 -7.92 -8.86
CA PRO A 267 14.56 -8.71 -7.64
C PRO A 267 15.18 -7.91 -6.52
N GLU A 268 16.19 -7.13 -6.83
CA GLU A 268 16.81 -6.19 -5.91
C GLU A 268 17.31 -5.01 -6.71
N PRO A 269 17.66 -3.90 -6.06
CA PRO A 269 18.18 -2.74 -6.80
C PRO A 269 19.43 -3.08 -7.60
N LEU A 270 19.59 -2.41 -8.74
CA LEU A 270 20.76 -2.54 -9.57
C LEU A 270 21.87 -1.63 -9.07
N THR A 271 23.11 -2.05 -9.32
CA THR A 271 24.30 -1.32 -8.88
C THR A 271 25.30 -1.31 -10.03
N LEU A 272 25.73 -0.12 -10.46
CA LEU A 272 26.58 -0.05 -11.64
C LEU A 272 27.43 1.21 -11.61
N ARG A 273 28.59 1.12 -12.26
CA ARG A 273 29.56 2.19 -12.35
C ARG A 273 29.90 2.42 -13.82
N TRP A 274 30.57 3.54 -14.10
CA TRP A 274 31.13 3.74 -15.44
C TRP A 274 32.20 2.70 -15.70
N GLU A 275 32.09 1.99 -16.82
CA GLU A 275 33.02 0.92 -17.17
C GLU A 275 33.57 1.16 -18.57
N PRO A 276 34.81 1.62 -18.70
CA PRO A 276 35.45 1.96 -19.98
C PRO A 276 36.04 0.74 -20.69
N ILE B 1 -5.67 29.11 -12.46
CA ILE B 1 -4.69 29.95 -13.13
C ILE B 1 -3.92 29.16 -14.17
N GLN B 2 -3.11 29.87 -14.94
CA GLN B 2 -2.32 29.23 -15.98
C GLN B 2 -1.09 28.55 -15.39
N LYS B 3 -0.72 27.42 -15.98
CA LYS B 3 0.39 26.59 -15.51
C LYS B 3 1.35 26.39 -16.68
N THR B 4 2.64 26.62 -16.44
CA THR B 4 3.60 26.76 -17.53
C THR B 4 4.06 25.40 -18.03
N PRO B 5 4.07 25.17 -19.36
CA PRO B 5 4.49 23.87 -19.89
C PRO B 5 5.96 23.58 -19.60
N GLN B 6 6.21 22.39 -19.06
CA GLN B 6 7.56 21.83 -19.00
C GLN B 6 7.76 20.93 -20.22
N ILE B 7 8.93 21.03 -20.84
CA ILE B 7 9.18 20.41 -22.14
C ILE B 7 10.46 19.58 -22.07
N GLN B 8 10.39 18.36 -22.61
CA GLN B 8 11.56 17.51 -22.82
C GLN B 8 11.60 17.07 -24.28
N VAL B 9 12.77 17.15 -24.89
CA VAL B 9 12.98 16.67 -26.26
C VAL B 9 14.07 15.62 -26.21
N TYR B 10 13.79 14.45 -26.76
CA TYR B 10 14.64 13.28 -26.57
C TYR B 10 14.24 12.21 -27.58
N SER B 11 15.13 11.25 -27.79
CA SER B 11 14.90 10.16 -28.73
C SER B 11 14.37 8.93 -28.01
N ARG B 12 13.56 8.15 -28.72
CA ARG B 12 13.05 6.91 -28.13
C ARG B 12 14.16 5.89 -27.92
N HIS B 13 15.08 5.77 -28.87
CA HIS B 13 16.19 4.83 -28.77
C HIS B 13 17.50 5.60 -28.73
N PRO B 14 18.54 5.03 -28.11
CA PRO B 14 19.83 5.72 -28.04
C PRO B 14 20.29 6.15 -29.41
N PRO B 15 20.56 7.44 -29.61
CA PRO B 15 20.75 7.93 -30.98
C PRO B 15 22.02 7.40 -31.61
N GLU B 16 21.93 7.13 -32.91
CA GLU B 16 23.06 6.71 -33.71
C GLU B 16 23.01 7.42 -35.05
N ASN B 17 24.10 8.07 -35.41
CA ASN B 17 24.16 8.76 -36.69
C ASN B 17 23.93 7.79 -37.84
N GLY B 18 22.97 8.14 -38.70
CA GLY B 18 22.63 7.32 -39.85
C GLY B 18 21.60 6.24 -39.60
N LYS B 19 21.07 6.13 -38.38
CA LYS B 19 20.12 5.09 -38.06
C LYS B 19 18.76 5.70 -37.73
N PRO B 20 17.67 5.17 -38.29
CA PRO B 20 16.34 5.70 -37.97
C PRO B 20 16.03 5.59 -36.48
N ASN B 21 15.11 6.45 -36.04
CA ASN B 21 14.76 6.58 -34.63
C ASN B 21 13.48 7.39 -34.55
N ILE B 22 12.95 7.50 -33.34
CA ILE B 22 11.80 8.36 -33.05
C ILE B 22 12.27 9.52 -32.19
N LEU B 23 11.83 10.73 -32.52
CA LEU B 23 12.10 11.92 -31.73
C LEU B 23 10.84 12.30 -30.98
N ASN B 24 10.97 12.50 -29.67
CA ASN B 24 9.84 12.77 -28.80
C ASN B 24 9.89 14.21 -28.28
N CYS B 25 8.72 14.85 -28.24
CA CYS B 25 8.54 16.11 -27.53
C CYS B 25 7.47 15.88 -26.48
N TYR B 26 7.89 15.88 -25.21
CA TYR B 26 7.03 15.57 -24.07
C TYR B 26 6.73 16.87 -23.33
N VAL B 27 5.45 17.23 -23.27
CA VAL B 27 5.00 18.52 -22.73
C VAL B 27 4.04 18.24 -21.58
N THR B 28 4.40 18.69 -20.38
CA THR B 28 3.66 18.35 -19.17
C THR B 28 3.31 19.60 -18.38
N GLN B 29 2.41 19.40 -17.41
CA GLN B 29 2.16 20.38 -16.35
C GLN B 29 1.73 21.74 -16.92
N PHE B 30 0.68 21.74 -17.73
CA PHE B 30 0.17 22.96 -18.31
C PHE B 30 -1.35 23.04 -18.20
N HIS B 31 -1.85 24.27 -18.18
CA HIS B 31 -3.26 24.59 -18.02
C HIS B 31 -3.47 26.00 -18.55
N PRO B 32 -4.49 26.24 -19.41
CA PRO B 32 -5.53 25.33 -19.88
C PRO B 32 -5.00 24.32 -20.91
N PRO B 33 -5.79 23.31 -21.26
CA PRO B 33 -5.26 22.24 -22.13
C PRO B 33 -4.98 22.66 -23.56
N HIS B 34 -5.56 23.76 -24.06
CA HIS B 34 -5.24 24.20 -25.41
C HIS B 34 -3.75 24.51 -25.53
N ILE B 35 -3.13 24.00 -26.59
CA ILE B 35 -1.68 24.16 -26.75
C ILE B 35 -1.32 23.83 -28.19
N GLU B 36 -0.31 24.53 -28.71
CA GLU B 36 0.25 24.26 -30.02
C GLU B 36 1.67 23.73 -29.85
N ILE B 37 2.00 22.68 -30.60
CA ILE B 37 3.31 22.05 -30.53
C ILE B 37 3.78 21.80 -31.96
N GLN B 38 4.98 22.27 -32.26
CA GLN B 38 5.61 22.08 -33.57
C GLN B 38 6.99 21.50 -33.36
N MET B 39 7.36 20.54 -34.20
CA MET B 39 8.68 19.94 -34.17
C MET B 39 9.45 20.38 -35.42
N LEU B 40 10.76 20.60 -35.25
CA LEU B 40 11.58 21.31 -36.22
C LEU B 40 12.83 20.51 -36.56
N LYS B 41 13.22 20.56 -37.83
CA LYS B 41 14.52 20.08 -38.28
C LYS B 41 15.23 21.22 -38.99
N ASN B 42 16.33 21.70 -38.39
CA ASN B 42 17.11 22.81 -38.94
C ASN B 42 16.22 24.03 -39.21
N GLY B 43 15.23 24.24 -38.35
CA GLY B 43 14.35 25.38 -38.43
C GLY B 43 13.07 25.19 -39.22
N LYS B 44 12.90 24.05 -39.89
CA LYS B 44 11.74 23.80 -40.73
C LYS B 44 10.75 22.88 -40.04
N LYS B 45 9.47 23.16 -40.21
CA LYS B 45 8.44 22.34 -39.60
C LYS B 45 8.40 20.93 -40.16
N ILE B 46 8.63 19.94 -39.31
CA ILE B 46 8.58 18.55 -39.71
C ILE B 46 7.12 18.19 -40.01
N PRO B 47 6.81 17.71 -41.20
CA PRO B 47 5.44 17.26 -41.48
C PRO B 47 5.20 15.86 -40.92
N LYS B 48 3.93 15.51 -40.80
CA LYS B 48 3.50 14.28 -40.14
C LYS B 48 4.09 14.20 -38.73
N VAL B 49 3.50 14.93 -37.79
CA VAL B 49 3.88 14.88 -36.39
C VAL B 49 2.70 14.29 -35.62
N GLU B 50 2.93 13.14 -35.00
CA GLU B 50 1.89 12.44 -34.27
C GLU B 50 1.70 13.04 -32.89
N MET B 51 0.45 13.27 -32.50
CA MET B 51 0.12 13.90 -31.23
C MET B 51 -0.80 12.98 -30.44
N SER B 52 -0.39 12.68 -29.20
CA SER B 52 -1.23 11.88 -28.33
C SER B 52 -2.47 12.68 -27.93
N ASP B 53 -3.46 11.96 -27.40
CA ASP B 53 -4.72 12.57 -27.03
C ASP B 53 -4.58 13.34 -25.71
N MET B 54 -5.53 14.24 -25.48
CA MET B 54 -5.54 15.05 -24.26
C MET B 54 -5.67 14.15 -23.04
N SER B 55 -4.74 14.29 -22.10
CA SER B 55 -4.76 13.53 -20.86
C SER B 55 -4.29 14.44 -19.74
N PHE B 56 -4.64 14.08 -18.50
CA PHE B 56 -4.16 14.83 -17.35
C PHE B 56 -3.84 13.90 -16.18
N SER B 57 -2.91 14.35 -15.34
CA SER B 57 -2.38 13.54 -14.25
C SER B 57 -3.18 13.79 -12.97
N LYS B 58 -2.71 13.17 -11.87
CA LYS B 58 -3.41 13.25 -10.60
C LYS B 58 -3.60 14.68 -10.14
N ASP B 59 -2.62 15.55 -10.42
CA ASP B 59 -2.63 16.93 -9.93
C ASP B 59 -3.46 17.88 -10.79
N TRP B 60 -4.22 17.34 -11.75
CA TRP B 60 -5.12 18.03 -12.67
C TRP B 60 -4.40 18.61 -13.89
N SER B 61 -3.07 18.61 -13.93
CA SER B 61 -2.35 19.22 -15.04
C SER B 61 -2.35 18.29 -16.24
N PHE B 62 -2.38 18.89 -17.43
CA PHE B 62 -2.45 18.16 -18.68
C PHE B 62 -1.06 17.83 -19.20
N TYR B 63 -0.98 16.78 -20.02
CA TYR B 63 0.27 16.41 -20.66
C TYR B 63 -0.01 15.87 -22.06
N ILE B 64 0.99 15.99 -22.92
CA ILE B 64 0.88 15.64 -24.34
C ILE B 64 2.22 15.10 -24.80
N LEU B 65 2.19 13.98 -25.53
CA LEU B 65 3.38 13.44 -26.18
C LEU B 65 3.27 13.64 -27.67
N ALA B 66 4.28 14.28 -28.26
CA ALA B 66 4.40 14.42 -29.70
C ALA B 66 5.65 13.68 -30.15
N HIS B 67 5.55 12.99 -31.29
CA HIS B 67 6.70 12.26 -31.81
C HIS B 67 6.67 12.26 -33.33
N THR B 68 7.82 11.95 -33.91
CA THR B 68 7.97 11.90 -35.36
C THR B 68 9.21 11.08 -35.70
N GLU B 69 9.21 10.51 -36.90
CA GLU B 69 10.39 9.82 -37.40
C GLU B 69 11.51 10.80 -37.67
N PHE B 70 12.74 10.35 -37.45
CA PHE B 70 13.90 11.13 -37.83
C PHE B 70 15.13 10.22 -37.85
N THR B 71 16.16 10.68 -38.55
CA THR B 71 17.46 10.00 -38.61
C THR B 71 18.52 11.00 -38.18
N PRO B 72 19.07 10.88 -36.97
CA PRO B 72 20.12 11.80 -36.55
C PRO B 72 21.35 11.74 -37.44
N THR B 73 21.90 12.92 -37.72
CA THR B 73 23.22 13.10 -38.29
C THR B 73 24.05 13.87 -37.28
N GLU B 74 25.31 14.14 -37.63
CA GLU B 74 26.15 14.88 -36.69
C GLU B 74 25.77 16.36 -36.62
N THR B 75 25.21 16.92 -37.70
CA THR B 75 25.05 18.36 -37.81
C THR B 75 23.61 18.86 -37.78
N ASP B 76 22.61 17.97 -37.86
CA ASP B 76 21.22 18.40 -37.89
C ASP B 76 20.74 18.79 -36.49
N THR B 77 20.08 19.94 -36.41
CA THR B 77 19.49 20.41 -35.16
C THR B 77 17.98 20.12 -35.16
N TYR B 78 17.51 19.44 -34.13
CA TYR B 78 16.09 19.17 -33.94
C TYR B 78 15.60 19.90 -32.71
N ALA B 79 14.39 20.48 -32.81
CA ALA B 79 13.85 21.26 -31.72
C ALA B 79 12.34 21.09 -31.68
N CYS B 80 11.76 21.46 -30.54
CA CYS B 80 10.32 21.45 -30.33
C CYS B 80 9.88 22.84 -29.87
N ARG B 81 8.86 23.38 -30.51
CA ARG B 81 8.37 24.72 -30.26
C ARG B 81 6.93 24.64 -29.77
N VAL B 82 6.67 25.28 -28.62
CA VAL B 82 5.40 25.14 -27.92
C VAL B 82 4.80 26.52 -27.70
N LYS B 83 3.54 26.68 -28.11
CA LYS B 83 2.78 27.91 -27.86
C LYS B 83 1.66 27.59 -26.87
N HIS B 84 1.58 28.38 -25.79
CA HIS B 84 0.59 28.17 -24.75
C HIS B 84 0.26 29.51 -24.11
N ASP B 85 -0.95 29.63 -23.56
CA ASP B 85 -1.40 30.89 -23.01
C ASP B 85 -0.59 31.34 -21.80
N SER B 86 0.11 30.43 -21.13
CA SER B 86 0.91 30.80 -19.96
C SER B 86 2.14 31.60 -20.34
N MET B 87 2.50 31.68 -21.62
CA MET B 87 3.72 32.32 -22.06
C MET B 87 3.41 33.42 -23.08
N ALA B 88 4.07 34.56 -22.93
CA ALA B 88 3.95 35.60 -23.94
C ALA B 88 4.53 35.14 -25.28
N GLU B 89 5.66 34.41 -25.23
CA GLU B 89 6.37 33.96 -26.39
C GLU B 89 6.43 32.43 -26.42
N PRO B 90 6.50 31.83 -27.62
CA PRO B 90 6.68 30.38 -27.68
C PRO B 90 8.02 29.97 -27.08
N LYS B 91 8.06 28.74 -26.56
CA LYS B 91 9.26 28.19 -25.93
C LYS B 91 9.84 27.10 -26.83
N THR B 92 11.09 27.27 -27.22
CA THR B 92 11.79 26.30 -28.05
C THR B 92 12.80 25.55 -27.19
N VAL B 93 12.70 24.22 -27.18
CA VAL B 93 13.68 23.35 -26.52
C VAL B 93 14.40 22.56 -27.60
N TYR B 94 15.72 22.60 -27.58
CA TYR B 94 16.53 21.93 -28.59
C TYR B 94 16.91 20.54 -28.15
N TRP B 95 17.00 19.63 -29.12
CA TRP B 95 17.40 18.26 -28.83
C TRP B 95 18.89 18.19 -28.52
N ASP B 96 19.24 17.44 -27.48
CA ASP B 96 20.63 17.18 -27.12
C ASP B 96 20.81 15.68 -27.06
N ARG B 97 21.64 15.14 -27.97
CA ARG B 97 21.71 13.69 -28.14
C ARG B 97 22.11 12.99 -26.84
N ASP B 98 22.94 13.64 -26.04
CA ASP B 98 23.44 13.07 -24.79
C ASP B 98 22.56 13.42 -23.60
N MET B 99 21.26 13.59 -23.81
CA MET B 99 20.36 13.99 -22.73
C MET B 99 18.94 13.46 -22.91
N MET C 1 -16.88 0.57 -16.56
CA MET C 1 -18.16 1.12 -16.14
C MET C 1 -17.98 2.55 -15.64
N CYS C 2 -18.32 3.51 -16.48
CA CYS C 2 -18.15 4.91 -16.13
C CYS C 2 -19.26 5.36 -15.18
N PRO C 3 -19.00 6.38 -14.35
CA PRO C 3 -20.00 6.81 -13.38
C PRO C 3 -21.08 7.69 -14.01
N ARG C 4 -22.18 7.84 -13.27
CA ARG C 4 -23.31 8.67 -13.66
C ARG C 4 -23.54 9.68 -12.55
N MET C 5 -23.27 10.96 -12.85
CA MET C 5 -23.47 12.01 -11.86
C MET C 5 -24.95 12.24 -11.62
N THR C 6 -25.30 12.63 -10.39
CA THR C 6 -26.68 12.98 -10.10
C THR C 6 -26.86 14.50 -10.14
N ALA C 7 -26.97 15.12 -8.97
CA ALA C 7 -27.23 16.55 -8.90
C ALA C 7 -26.06 17.34 -9.48
N VAL C 8 -26.39 18.39 -10.24
CA VAL C 8 -25.40 19.26 -10.86
C VAL C 8 -24.74 20.11 -9.79
N MET C 9 -23.64 20.75 -10.14
CA MET C 9 -22.94 21.63 -9.22
C MET C 9 -23.76 22.89 -8.94
N GLY D 1 7.96 -7.76 -4.47
CA GLY D 1 6.93 -7.40 -3.52
C GLY D 1 7.44 -6.59 -2.34
N PRO D 2 6.52 -6.03 -1.56
CA PRO D 2 6.94 -5.19 -0.42
C PRO D 2 7.50 -6.02 0.71
N HIS D 3 8.37 -5.38 1.50
CA HIS D 3 9.09 -6.05 2.58
C HIS D 3 9.06 -5.15 3.82
N SER D 4 9.50 -5.72 4.95
CA SER D 4 9.41 -5.02 6.23
C SER D 4 10.35 -5.66 7.24
N MET D 5 10.75 -4.86 8.22
CA MET D 5 11.44 -5.34 9.41
C MET D 5 10.80 -4.72 10.64
N ARG D 6 10.76 -5.48 11.73
CA ARG D 6 10.09 -5.03 12.95
C ARG D 6 10.85 -5.54 14.17
N TYR D 7 10.87 -4.71 15.22
CA TYR D 7 11.33 -5.12 16.54
C TYR D 7 10.22 -4.83 17.54
N PHE D 8 9.69 -5.89 18.15
CA PHE D 8 8.69 -5.78 19.19
C PHE D 8 9.37 -6.02 20.53
N GLU D 9 9.26 -5.06 21.44
CA GLU D 9 9.95 -5.11 22.72
C GLU D 9 8.96 -4.94 23.85
N THR D 10 9.20 -5.66 24.95
CA THR D 10 8.27 -5.70 26.07
C THR D 10 9.05 -5.71 27.38
N ALA D 11 8.56 -4.95 28.35
CA ALA D 11 9.06 -4.97 29.72
C ALA D 11 7.88 -5.16 30.66
N VAL D 12 8.00 -6.13 31.57
CA VAL D 12 6.88 -6.55 32.40
C VAL D 12 7.28 -6.47 33.85
N SER D 13 6.49 -5.74 34.64
CA SER D 13 6.58 -5.76 36.09
C SER D 13 5.44 -6.58 36.67
N ARG D 14 5.77 -7.40 37.66
CA ARG D 14 4.81 -8.17 38.43
C ARG D 14 5.23 -8.10 39.89
N PRO D 15 4.28 -8.19 40.82
CA PRO D 15 4.64 -8.07 42.25
C PRO D 15 5.73 -9.04 42.69
N GLY D 16 5.75 -10.26 42.15
CA GLY D 16 6.68 -11.27 42.64
C GLY D 16 8.11 -11.11 42.19
N LEU D 17 8.37 -10.35 41.14
CA LEU D 17 9.69 -10.25 40.54
C LEU D 17 10.40 -8.99 41.03
N GLU D 18 11.64 -9.13 41.49
CA GLU D 18 12.42 -7.95 41.88
C GLU D 18 12.55 -6.99 40.72
N GLU D 19 12.91 -7.51 39.55
CA GLU D 19 13.31 -6.72 38.41
C GLU D 19 12.44 -7.08 37.21
N PRO D 20 12.06 -6.09 36.39
CA PRO D 20 11.21 -6.38 35.25
C PRO D 20 11.86 -7.34 34.25
N ARG D 21 11.02 -8.09 33.56
CA ARG D 21 11.47 -9.00 32.52
C ARG D 21 11.43 -8.31 31.17
N TYR D 22 12.51 -8.45 30.39
CA TYR D 22 12.66 -7.76 29.12
C TYR D 22 12.77 -8.77 27.99
N ILE D 23 11.95 -8.59 26.96
CA ILE D 23 11.92 -9.48 25.79
C ILE D 23 11.92 -8.62 24.53
N SER D 24 12.79 -8.95 23.59
CA SER D 24 12.85 -8.27 22.30
C SER D 24 12.81 -9.32 21.19
N VAL D 25 11.88 -9.13 20.25
CA VAL D 25 11.69 -10.05 19.13
C VAL D 25 11.83 -9.26 17.84
N GLY D 26 12.65 -9.78 16.93
CA GLY D 26 12.86 -9.16 15.63
C GLY D 26 12.18 -9.97 14.54
N TYR D 27 11.57 -9.27 13.58
CA TYR D 27 10.89 -9.90 12.47
C TYR D 27 11.37 -9.29 11.16
N VAL D 28 11.60 -10.15 10.17
CA VAL D 28 11.79 -9.74 8.79
C VAL D 28 10.63 -10.34 8.00
N ASP D 29 9.88 -9.46 7.33
CA ASP D 29 8.68 -9.88 6.59
C ASP D 29 7.74 -10.67 7.49
N ASN D 30 7.68 -10.26 8.76
CA ASN D 30 6.79 -10.84 9.78
C ASN D 30 7.22 -12.24 10.22
N LYS D 31 8.42 -12.66 9.90
CA LYS D 31 8.93 -13.95 10.34
C LYS D 31 10.08 -13.73 11.31
N GLU D 32 10.03 -14.43 12.44
CA GLU D 32 11.00 -14.24 13.51
C GLU D 32 12.39 -14.66 13.05
N PHE D 33 13.38 -13.81 13.32
CA PHE D 33 14.76 -14.12 12.97
C PHE D 33 15.75 -13.85 14.09
N VAL D 34 15.35 -13.21 15.19
CA VAL D 34 16.25 -12.94 16.30
C VAL D 34 15.39 -12.69 17.54
N ARG D 35 15.93 -13.07 18.70
CA ARG D 35 15.19 -12.91 19.95
C ARG D 35 16.16 -12.78 21.12
N PHE D 36 15.80 -11.92 22.06
CA PHE D 36 16.52 -11.73 23.32
C PHE D 36 15.52 -11.83 24.46
N ASP D 37 15.95 -12.46 25.57
CA ASP D 37 15.08 -12.66 26.73
C ASP D 37 15.92 -12.57 27.99
N SER D 38 15.58 -11.63 28.88
CA SER D 38 16.35 -11.43 30.09
C SER D 38 16.18 -12.55 31.10
N ASP D 39 15.25 -13.48 30.87
CA ASP D 39 15.04 -14.59 31.80
C ASP D 39 16.06 -15.71 31.64
N ALA D 40 16.66 -15.85 30.47
CA ALA D 40 17.56 -16.97 30.21
C ALA D 40 18.77 -16.95 31.14
N GLU D 41 19.39 -18.12 31.29
CA GLU D 41 20.64 -18.24 32.02
C GLU D 41 21.65 -17.21 31.53
N ASN D 42 21.93 -17.25 30.24
CA ASN D 42 22.90 -16.38 29.57
C ASN D 42 22.11 -15.50 28.61
N PRO D 43 21.52 -14.41 29.10
CA PRO D 43 20.71 -13.56 28.22
C PRO D 43 21.50 -13.07 27.02
N ARG D 44 20.95 -13.33 25.84
CA ARG D 44 21.67 -13.16 24.59
C ARG D 44 20.66 -13.00 23.46
N TYR D 45 20.94 -12.08 22.55
CA TYR D 45 20.24 -12.06 21.27
C TYR D 45 20.63 -13.29 20.50
N GLU D 46 19.65 -14.13 20.18
CA GLU D 46 20.01 -15.40 19.56
C GLU D 46 19.31 -15.56 18.22
N PRO D 47 19.97 -16.19 17.24
CA PRO D 47 19.32 -16.41 15.95
C PRO D 47 18.15 -17.38 16.06
N ARG D 48 17.08 -17.05 15.35
CA ARG D 48 15.86 -17.86 15.34
C ARG D 48 15.53 -18.38 13.95
N ALA D 49 16.44 -18.22 12.99
CA ALA D 49 16.30 -18.69 11.64
C ALA D 49 17.66 -19.16 11.16
N PRO D 50 17.71 -20.21 10.34
CA PRO D 50 19.02 -20.78 9.97
C PRO D 50 19.91 -19.81 9.20
N TRP D 51 19.33 -18.99 8.34
CA TRP D 51 20.11 -18.03 7.54
C TRP D 51 20.76 -16.94 8.38
N MET D 52 20.38 -16.79 9.66
CA MET D 52 20.99 -15.78 10.51
C MET D 52 22.33 -16.23 11.11
N GLU D 53 22.62 -17.54 11.10
CA GLU D 53 23.89 -18.00 11.66
C GLU D 53 25.09 -17.51 10.87
N GLN D 54 24.87 -16.94 9.68
CA GLN D 54 25.97 -16.37 8.90
C GLN D 54 26.73 -15.30 9.66
N GLU D 55 26.04 -14.56 10.52
CA GLU D 55 26.66 -13.45 11.24
C GLU D 55 27.63 -13.96 12.29
N GLY D 56 28.76 -13.26 12.43
CA GLY D 56 29.81 -13.65 13.34
C GLY D 56 29.61 -13.15 14.76
N PRO D 57 30.59 -13.37 15.62
CA PRO D 57 30.40 -13.03 17.04
C PRO D 57 30.28 -11.54 17.30
N GLU D 58 31.02 -10.70 16.57
CA GLU D 58 30.94 -9.26 16.79
C GLU D 58 29.56 -8.71 16.51
N TYR D 59 28.82 -9.32 15.58
CA TYR D 59 27.43 -8.93 15.35
C TYR D 59 26.58 -9.23 16.58
N TRP D 60 26.62 -10.48 17.06
CA TRP D 60 25.80 -10.85 18.20
C TRP D 60 26.22 -10.13 19.47
N GLU D 61 27.53 -9.86 19.62
CA GLU D 61 27.98 -9.10 20.78
C GLU D 61 27.44 -7.68 20.75
N ARG D 62 27.40 -7.07 19.56
CA ARG D 62 26.90 -5.70 19.45
C ARG D 62 25.40 -5.64 19.69
N GLU D 63 24.64 -6.57 19.10
CA GLU D 63 23.20 -6.61 19.33
C GLU D 63 22.89 -6.87 20.81
N THR D 64 23.63 -7.79 21.44
CA THR D 64 23.36 -8.14 22.82
C THR D 64 23.64 -6.97 23.77
N GLN D 65 24.76 -6.27 23.56
CA GLN D 65 25.05 -5.10 24.37
C GLN D 65 23.96 -4.04 24.24
N LYS D 66 23.35 -3.92 23.05
CA LYS D 66 22.23 -3.00 22.89
C LYS D 66 21.00 -3.47 23.64
N ALA D 67 20.75 -4.79 23.64
CA ALA D 67 19.62 -5.34 24.38
C ALA D 67 19.80 -5.19 25.89
N LYS D 68 21.05 -5.14 26.37
CA LYS D 68 21.28 -4.85 27.78
C LYS D 68 20.97 -3.40 28.11
N GLY D 69 21.33 -2.48 27.20
CA GLY D 69 20.96 -1.08 27.38
C GLY D 69 19.46 -0.89 27.35
N GLN D 70 18.79 -1.51 26.37
CA GLN D 70 17.34 -1.44 26.31
C GLN D 70 16.70 -1.96 27.59
N GLU D 71 17.23 -3.05 28.14
CA GLU D 71 16.72 -3.58 29.40
C GLU D 71 16.74 -2.52 30.49
N GLN D 72 17.86 -1.81 30.61
CA GLN D 72 17.96 -0.73 31.58
C GLN D 72 17.05 0.44 31.21
N TRP D 73 17.05 0.81 29.92
CA TRP D 73 16.20 1.90 29.46
C TRP D 73 14.74 1.66 29.81
N PHE D 74 14.26 0.43 29.57
CA PHE D 74 12.87 0.10 29.91
C PHE D 74 12.67 0.07 31.43
N ARG D 75 13.66 -0.40 32.18
CA ARG D 75 13.53 -0.45 33.63
C ARG D 75 13.35 0.94 34.22
N VAL D 76 14.20 1.89 33.80
CA VAL D 76 14.07 3.26 34.28
C VAL D 76 12.77 3.89 33.80
N SER D 77 12.38 3.62 32.55
CA SER D 77 11.13 4.16 32.03
C SER D 77 9.92 3.62 32.77
N LEU D 78 9.93 2.33 33.10
CA LEU D 78 8.86 1.77 33.91
C LEU D 78 8.79 2.46 35.28
N ARG D 79 9.96 2.81 35.84
CA ARG D 79 9.98 3.49 37.13
C ARG D 79 9.43 4.90 37.01
N ASN D 80 9.86 5.64 35.99
CA ASN D 80 9.37 6.99 35.78
C ASN D 80 7.87 7.00 35.52
N LEU D 81 7.38 6.10 34.67
CA LEU D 81 5.95 6.03 34.37
C LEU D 81 5.13 5.76 35.62
N LEU D 82 5.66 4.98 36.56
CA LEU D 82 4.98 4.71 37.81
C LEU D 82 4.62 6.01 38.52
N GLY D 83 5.54 6.99 38.54
CA GLY D 83 5.27 8.24 39.21
C GLY D 83 4.45 9.22 38.40
N TYR D 84 4.61 9.23 37.07
CA TYR D 84 3.79 10.07 36.22
C TYR D 84 2.31 9.80 36.42
N TYR D 85 1.92 8.55 36.62
CA TYR D 85 0.53 8.15 36.76
C TYR D 85 0.10 7.97 38.20
N ASN D 86 0.95 8.36 39.17
CA ASN D 86 0.63 8.27 40.59
C ASN D 86 0.23 6.84 40.97
N GLN D 87 0.83 5.86 40.31
CA GLN D 87 0.59 4.47 40.64
C GLN D 87 1.46 4.07 41.82
N SER D 88 0.88 3.30 42.75
CA SER D 88 1.64 2.82 43.88
C SER D 88 2.38 1.52 43.52
N ALA D 89 3.14 1.00 44.47
CA ALA D 89 3.83 -0.27 44.28
C ALA D 89 2.86 -1.43 44.49
N GLY D 90 3.30 -2.62 44.08
CA GLY D 90 2.48 -3.80 44.25
C GLY D 90 1.45 -4.01 43.16
N GLY D 91 1.75 -3.61 41.93
CA GLY D 91 0.88 -3.86 40.80
C GLY D 91 1.65 -4.51 39.66
N SER D 92 0.93 -4.79 38.59
CA SER D 92 1.51 -5.33 37.37
C SER D 92 1.49 -4.25 36.30
N HIS D 93 2.66 -3.97 35.72
CA HIS D 93 2.77 -2.92 34.71
C HIS D 93 3.55 -3.44 33.51
N THR D 94 3.23 -2.91 32.33
CA THR D 94 3.80 -3.38 31.08
C THR D 94 4.19 -2.18 30.22
N LEU D 95 5.33 -2.30 29.55
CA LEU D 95 5.81 -1.31 28.59
C LEU D 95 6.12 -2.02 27.28
N GLN D 96 5.65 -1.47 26.17
CA GLN D 96 5.72 -2.15 24.88
C GLN D 96 6.23 -1.18 23.81
N GLN D 97 6.90 -1.73 22.81
CA GLN D 97 7.49 -0.93 21.74
C GLN D 97 7.44 -1.69 20.42
N MET D 98 7.05 -0.98 19.37
CA MET D 98 7.15 -1.46 17.99
C MET D 98 7.96 -0.44 17.19
N SER D 99 9.05 -0.90 16.59
CA SER D 99 9.84 -0.08 15.69
C SER D 99 10.13 -0.89 14.43
N GLY D 100 10.41 -0.19 13.34
CA GLY D 100 10.78 -0.86 12.11
C GLY D 100 10.46 0.00 10.91
N CYS D 101 10.67 -0.60 9.73
CA CYS D 101 10.52 0.09 8.46
C CYS D 101 9.74 -0.78 7.48
N ASP D 102 8.99 -0.12 6.61
CA ASP D 102 8.29 -0.76 5.50
C ASP D 102 8.98 -0.38 4.19
N LEU D 103 9.24 -1.37 3.34
CA LEU D 103 9.80 -1.14 2.02
C LEU D 103 8.78 -1.49 0.95
N GLY D 104 8.79 -0.73 -0.14
CA GLY D 104 8.00 -1.06 -1.30
C GLY D 104 8.66 -2.11 -2.16
N SER D 105 7.97 -2.48 -3.24
CA SER D 105 8.52 -3.45 -4.17
C SER D 105 9.83 -3.00 -4.78
N ASP D 106 10.10 -1.69 -4.81
CA ASP D 106 11.37 -1.15 -5.27
C ASP D 106 12.45 -1.18 -4.19
N TRP D 107 12.16 -1.77 -3.03
CA TRP D 107 13.06 -1.89 -1.90
C TRP D 107 13.42 -0.54 -1.28
N ARG D 108 12.61 0.47 -1.49
CA ARG D 108 12.84 1.78 -0.88
C ARG D 108 11.90 1.97 0.31
N LEU D 109 12.33 2.81 1.25
CA LEU D 109 11.57 3.05 2.47
C LEU D 109 10.21 3.66 2.13
N LEU D 110 9.14 2.98 2.56
CA LEU D 110 7.80 3.52 2.43
C LEU D 110 7.36 4.25 3.70
N ARG D 111 7.64 3.69 4.87
CA ARG D 111 7.23 4.29 6.13
C ARG D 111 8.04 3.72 7.27
N GLY D 112 8.47 4.60 8.19
CA GLY D 112 9.08 4.16 9.43
C GLY D 112 8.08 4.15 10.58
N TYR D 113 8.47 3.46 11.65
CA TYR D 113 7.60 3.30 12.81
C TYR D 113 8.41 3.35 14.10
N LEU D 114 7.85 4.01 15.11
CA LEU D 114 8.34 3.91 16.47
C LEU D 114 7.19 4.31 17.39
N GLN D 115 6.61 3.33 18.08
CA GLN D 115 5.44 3.56 18.92
C GLN D 115 5.64 2.89 20.27
N PHE D 116 4.97 3.43 21.29
CA PHE D 116 5.05 2.91 22.63
C PHE D 116 3.67 2.78 23.24
N ALA D 117 3.50 1.77 24.09
CA ALA D 117 2.28 1.58 24.85
C ALA D 117 2.64 1.27 26.29
N TYR D 118 1.95 1.93 27.21
CA TYR D 118 2.04 1.63 28.64
C TYR D 118 0.70 1.07 29.08
N GLU D 119 0.74 -0.08 29.77
CA GLU D 119 -0.45 -0.81 30.19
C GLU D 119 -1.32 -1.22 29.00
N GLY D 120 -0.69 -1.44 27.85
CA GLY D 120 -1.44 -1.84 26.67
C GLY D 120 -2.24 -0.73 26.02
N ARG D 121 -1.97 0.52 26.37
CA ARG D 121 -2.63 1.67 25.79
C ARG D 121 -1.59 2.59 25.16
N ASP D 122 -1.94 3.21 24.04
CA ASP D 122 -1.04 4.12 23.35
C ASP D 122 -0.51 5.18 24.31
N TYR D 123 0.81 5.32 24.36
CA TYR D 123 1.46 6.28 25.24
C TYR D 123 2.09 7.43 24.48
N ILE D 124 3.05 7.14 23.60
CA ILE D 124 3.64 8.13 22.73
C ILE D 124 4.07 7.43 21.45
N ALA D 125 4.00 8.14 20.34
CA ALA D 125 4.33 7.56 19.05
C ALA D 125 4.95 8.60 18.15
N LEU D 126 5.91 8.18 17.33
CA LEU D 126 6.51 9.04 16.33
C LEU D 126 5.60 9.13 15.12
N ASN D 127 5.32 10.36 14.68
CA ASN D 127 4.43 10.54 13.54
C ASN D 127 5.12 10.12 12.25
N GLU D 128 4.31 9.94 11.19
CA GLU D 128 4.83 9.47 9.91
C GLU D 128 5.98 10.33 9.39
N ASP D 129 5.97 11.62 9.69
CA ASP D 129 7.03 12.51 9.23
C ASP D 129 8.37 12.25 9.93
N LEU D 130 8.40 11.39 10.95
CA LEU D 130 9.61 11.06 11.71
C LEU D 130 10.23 12.29 12.36
N LYS D 131 9.44 13.34 12.59
CA LYS D 131 9.93 14.57 13.21
C LYS D 131 9.14 14.98 14.45
N THR D 132 7.85 14.67 14.52
CA THR D 132 7.00 15.11 15.61
C THR D 132 6.38 13.89 16.31
N TRP D 133 5.88 14.13 17.53
CA TRP D 133 5.33 13.07 18.36
C TRP D 133 3.85 13.31 18.63
N THR D 134 3.12 12.21 18.74
CA THR D 134 1.74 12.21 19.21
C THR D 134 1.69 11.57 20.59
N ALA D 135 1.11 12.28 21.55
CA ALA D 135 0.95 11.79 22.91
C ALA D 135 -0.36 12.32 23.45
N ALA D 136 -1.32 11.42 23.70
CA ALA D 136 -2.66 11.84 24.11
C ALA D 136 -2.74 12.12 25.61
N ASP D 137 -2.16 11.23 26.42
CA ASP D 137 -2.34 11.32 27.87
C ASP D 137 -1.71 12.59 28.42
N MET D 138 -2.32 13.12 29.49
CA MET D 138 -1.75 14.26 30.20
C MET D 138 -0.41 13.90 30.82
N ALA D 139 -0.28 12.69 31.36
CA ALA D 139 0.98 12.23 31.91
C ALA D 139 2.06 12.06 30.84
N ALA D 140 1.65 11.86 29.58
CA ALA D 140 2.61 11.61 28.51
C ALA D 140 3.21 12.89 27.94
N GLN D 141 2.67 14.06 28.28
CA GLN D 141 3.22 15.31 27.76
C GLN D 141 4.62 15.56 28.31
N ILE D 142 4.89 15.10 29.54
CA ILE D 142 6.23 15.20 30.11
C ILE D 142 7.24 14.50 29.21
N THR D 143 6.89 13.30 28.74
CA THR D 143 7.79 12.57 27.86
C THR D 143 7.93 13.25 26.49
N ARG D 144 6.81 13.73 25.94
CA ARG D 144 6.85 14.40 24.64
CA ARG D 144 6.88 14.38 24.64
C ARG D 144 7.77 15.63 24.69
N ARG D 145 7.67 16.42 25.76
CA ARG D 145 8.50 17.62 25.87
C ARG D 145 9.98 17.25 26.01
N LYS D 146 10.30 16.27 26.86
CA LYS D 146 11.69 15.84 27.00
C LYS D 146 12.27 15.40 25.68
N TRP D 147 11.54 14.57 24.93
CA TRP D 147 12.06 14.03 23.68
C TRP D 147 12.15 15.08 22.58
N GLU D 148 11.37 16.15 22.66
CA GLU D 148 11.50 17.24 21.69
C GLU D 148 12.66 18.16 22.04
N GLN D 149 12.88 18.40 23.33
CA GLN D 149 14.02 19.24 23.73
C GLN D 149 15.34 18.51 23.52
N SER D 150 15.37 17.19 23.73
CA SER D 150 16.58 16.42 23.50
C SER D 150 16.78 16.06 22.03
N GLY D 151 15.80 16.34 21.17
CA GLY D 151 15.96 16.04 19.75
C GLY D 151 16.00 14.58 19.42
N ALA D 152 15.30 13.74 20.19
CA ALA D 152 15.39 12.29 20.01
C ALA D 152 14.86 11.83 18.66
N ALA D 153 13.87 12.55 18.10
CA ALA D 153 13.28 12.12 16.84
C ALA D 153 14.30 12.06 15.71
N GLU D 154 15.29 12.96 15.72
CA GLU D 154 16.31 12.95 14.68
C GLU D 154 17.18 11.69 14.78
N HIS D 155 17.44 11.21 16.00
CA HIS D 155 18.19 9.98 16.16
C HIS D 155 17.44 8.79 15.56
N TYR D 156 16.14 8.70 15.82
CA TYR D 156 15.34 7.58 15.32
C TYR D 156 15.06 7.70 13.84
N LYS D 157 14.92 8.93 13.33
CA LYS D 157 14.76 9.11 11.88
C LYS D 157 15.97 8.59 11.13
N ALA D 158 17.18 8.87 11.63
CA ALA D 158 18.39 8.36 11.00
C ALA D 158 18.42 6.84 11.03
N TYR D 159 18.04 6.24 12.15
CA TYR D 159 18.01 4.78 12.23
C TYR D 159 17.01 4.18 11.25
N LEU D 160 15.80 4.76 11.18
CA LEU D 160 14.75 4.19 10.34
C LEU D 160 15.07 4.34 8.87
N GLU D 161 15.55 5.51 8.45
CA GLU D 161 15.87 5.74 7.05
C GLU D 161 17.19 5.09 6.64
N GLY D 162 18.10 4.87 7.57
CA GLY D 162 19.38 4.28 7.25
C GLY D 162 19.54 2.83 7.63
N GLU D 163 19.89 2.59 8.90
CA GLU D 163 20.25 1.24 9.34
C GLU D 163 19.09 0.26 9.18
N CYS D 164 17.87 0.68 9.51
CA CYS D 164 16.72 -0.20 9.33
C CYS D 164 16.61 -0.66 7.88
N VAL D 165 16.83 0.24 6.93
CA VAL D 165 16.67 -0.09 5.52
C VAL D 165 17.84 -0.95 5.04
N GLU D 166 19.06 -0.52 5.32
CA GLU D 166 20.23 -1.19 4.76
C GLU D 166 20.45 -2.57 5.36
N TRP D 167 20.21 -2.72 6.67
CA TRP D 167 20.33 -4.05 7.28
C TRP D 167 19.20 -4.96 6.83
N LEU D 168 18.05 -4.40 6.50
CA LEU D 168 16.97 -5.22 5.93
C LEU D 168 17.34 -5.75 4.56
N HIS D 169 17.97 -4.90 3.72
CA HIS D 169 18.49 -5.38 2.44
C HIS D 169 19.46 -6.53 2.64
N ARG D 170 20.41 -6.35 3.57
CA ARG D 170 21.35 -7.41 3.88
C ARG D 170 20.63 -8.67 4.34
N TYR D 171 19.60 -8.52 5.18
CA TYR D 171 18.83 -9.66 5.63
C TYR D 171 18.03 -10.30 4.50
N LEU D 172 17.58 -9.49 3.54
CA LEU D 172 16.80 -10.05 2.43
C LEU D 172 17.70 -10.81 1.45
N LYS D 173 18.89 -10.27 1.18
CA LYS D 173 19.83 -10.97 0.31
C LYS D 173 20.22 -12.31 0.91
N ASN D 174 20.71 -12.29 2.14
CA ASN D 174 20.91 -13.54 2.88
C ASN D 174 19.56 -14.24 3.05
N GLY D 175 19.57 -15.57 2.94
CA GLY D 175 18.34 -16.33 3.04
C GLY D 175 17.26 -15.91 2.05
N LEU D 180 10.07 -15.51 0.01
CA LEU D 180 9.37 -14.67 -0.94
C LEU D 180 8.16 -15.42 -1.51
N ARG D 181 7.19 -15.74 -0.67
CA ARG D 181 6.15 -16.67 -1.09
C ARG D 181 4.92 -16.57 -0.19
N THR D 182 3.76 -16.85 -0.78
CA THR D 182 2.48 -16.90 -0.08
C THR D 182 1.79 -18.21 -0.39
N ASP D 183 0.91 -18.64 0.50
CA ASP D 183 0.14 -19.87 0.34
C ASP D 183 -1.34 -19.52 0.18
N SER D 184 -1.93 -19.98 -0.91
CA SER D 184 -3.33 -19.72 -1.20
C SER D 184 -4.23 -20.65 -0.39
N PRO D 185 -5.42 -20.18 -0.02
CA PRO D 185 -6.34 -21.05 0.72
C PRO D 185 -6.97 -22.10 -0.18
N LYS D 186 -7.24 -23.27 0.40
CA LYS D 186 -8.12 -24.26 -0.21
C LYS D 186 -9.40 -24.30 0.61
N ALA D 187 -10.53 -24.10 -0.05
CA ALA D 187 -11.80 -23.86 0.63
C ALA D 187 -12.79 -24.99 0.39
N HIS D 188 -13.67 -25.20 1.36
CA HIS D 188 -14.71 -26.21 1.26
C HIS D 188 -15.84 -25.88 2.22
N VAL D 189 -17.04 -26.36 1.90
CA VAL D 189 -18.26 -26.10 2.66
C VAL D 189 -18.71 -27.39 3.33
N THR D 190 -19.15 -27.28 4.59
CA THR D 190 -19.61 -28.42 5.35
C THR D 190 -21.07 -28.22 5.78
N HIS D 191 -21.70 -29.34 6.16
CA HIS D 191 -23.14 -29.45 6.33
C HIS D 191 -23.44 -29.91 7.75
N HIS D 192 -24.28 -29.16 8.46
CA HIS D 192 -24.63 -29.52 9.84
C HIS D 192 -26.11 -29.23 10.13
N PRO D 193 -26.90 -30.25 10.44
CA PRO D 193 -28.31 -30.01 10.79
C PRO D 193 -28.42 -29.16 12.06
N ARG D 194 -29.47 -28.35 12.09
CA ARG D 194 -29.72 -27.48 13.23
C ARG D 194 -31.20 -27.51 13.59
N SER D 195 -31.50 -28.11 14.72
CA SER D 195 -32.87 -28.21 15.18
C SER D 195 -33.73 -28.83 14.10
N LYS D 196 -33.16 -29.79 13.36
CA LYS D 196 -33.90 -30.46 12.31
C LYS D 196 -34.58 -29.49 11.34
N GLY D 197 -35.26 -28.48 11.89
CA GLY D 197 -35.94 -27.49 11.11
C GLY D 197 -34.96 -26.56 10.42
N GLU D 198 -33.66 -26.80 10.59
CA GLU D 198 -32.70 -25.94 9.90
C GLU D 198 -31.38 -26.66 9.71
N VAL D 199 -30.53 -26.09 8.86
CA VAL D 199 -29.19 -26.61 8.60
C VAL D 199 -28.23 -25.44 8.47
N THR D 200 -27.04 -25.59 9.03
CA THR D 200 -25.97 -24.60 8.92
C THR D 200 -24.96 -25.04 7.87
N LEU D 201 -24.55 -24.09 7.03
CA LEU D 201 -23.44 -24.27 6.11
C LEU D 201 -22.23 -23.53 6.66
N ARG D 202 -21.06 -24.19 6.66
CA ARG D 202 -19.84 -23.61 7.21
C ARG D 202 -18.77 -23.61 6.13
N CYS D 203 -18.38 -22.43 5.68
CA CYS D 203 -17.35 -22.29 4.65
C CYS D 203 -15.98 -22.25 5.32
N TRP D 204 -15.15 -23.25 5.00
CA TRP D 204 -13.81 -23.36 5.57
C TRP D 204 -12.79 -22.77 4.62
N ALA D 205 -11.75 -22.15 5.19
CA ALA D 205 -10.56 -21.77 4.46
C ALA D 205 -9.36 -22.36 5.21
N LEU D 206 -8.50 -23.06 4.49
CA LEU D 206 -7.41 -23.80 5.12
C LEU D 206 -6.11 -23.59 4.36
N GLY D 207 -5.01 -23.71 5.08
CA GLY D 207 -3.69 -23.72 4.48
C GLY D 207 -3.23 -22.43 3.86
N PHE D 208 -3.79 -21.28 4.25
CA PHE D 208 -3.42 -20.02 3.62
C PHE D 208 -2.38 -19.27 4.43
N TYR D 209 -1.62 -18.43 3.73
CA TYR D 209 -0.60 -17.56 4.28
C TYR D 209 -0.37 -16.42 3.28
N PRO D 210 -0.34 -15.16 3.73
CA PRO D 210 -0.41 -14.73 5.13
C PRO D 210 -1.82 -14.78 5.73
N ALA D 211 -1.95 -14.28 6.95
CA ALA D 211 -3.16 -14.51 7.74
C ALA D 211 -4.35 -13.70 7.25
N ASP D 212 -4.10 -12.53 6.64
CA ASP D 212 -5.21 -11.69 6.18
C ASP D 212 -6.08 -12.44 5.18
N ILE D 213 -7.38 -12.45 5.44
CA ILE D 213 -8.33 -13.17 4.59
C ILE D 213 -9.72 -12.62 4.86
N THR D 214 -10.62 -12.78 3.89
CA THR D 214 -12.01 -12.39 4.03
C THR D 214 -12.90 -13.52 3.52
N LEU D 215 -13.89 -13.90 4.32
CA LEU D 215 -14.88 -14.89 3.93
C LEU D 215 -16.26 -14.25 3.99
N THR D 216 -17.00 -14.35 2.89
CA THR D 216 -18.36 -13.84 2.82
C THR D 216 -19.31 -14.94 2.37
N TRP D 217 -20.58 -14.73 2.67
CA TRP D 217 -21.69 -15.58 2.21
C TRP D 217 -22.67 -14.69 1.47
N GLN D 218 -23.20 -15.17 0.36
CA GLN D 218 -24.14 -14.36 -0.41
C GLN D 218 -25.41 -15.15 -0.71
N LEU D 219 -26.52 -14.43 -0.81
CA LEU D 219 -27.76 -14.99 -1.32
C LEU D 219 -27.86 -14.72 -2.83
N ASN D 220 -26.89 -15.28 -3.56
CA ASN D 220 -26.83 -15.15 -5.02
C ASN D 220 -26.93 -13.69 -5.45
N GLY D 221 -26.20 -12.82 -4.76
CA GLY D 221 -26.25 -11.41 -5.05
C GLY D 221 -25.74 -10.54 -3.93
N GLU D 222 -26.62 -10.16 -3.00
CA GLU D 222 -26.22 -9.33 -1.88
C GLU D 222 -25.79 -10.20 -0.70
N GLU D 223 -25.29 -9.54 0.35
CA GLU D 223 -25.01 -10.24 1.60
C GLU D 223 -26.13 -9.92 2.58
N THR D 225 -24.53 -8.92 5.99
CA THR D 225 -23.69 -8.55 7.12
C THR D 225 -24.20 -9.30 8.36
N GLN D 226 -25.52 -9.33 8.53
CA GLN D 226 -26.13 -10.06 9.61
C GLN D 226 -26.15 -11.55 9.29
N ASP D 227 -26.63 -12.33 10.26
CA ASP D 227 -26.94 -13.75 10.04
C ASP D 227 -25.68 -14.57 9.75
N MET D 228 -24.52 -14.17 10.26
CA MET D 228 -23.27 -14.86 9.91
C MET D 228 -22.38 -14.99 11.15
N GLU D 229 -22.21 -16.22 11.62
CA GLU D 229 -21.23 -16.53 12.65
C GLU D 229 -19.88 -16.86 12.00
N LEU D 230 -18.81 -16.43 12.65
CA LEU D 230 -17.46 -16.71 12.18
C LEU D 230 -16.56 -17.00 13.37
N VAL D 231 -15.27 -17.20 13.07
CA VAL D 231 -14.22 -17.22 14.08
C VAL D 231 -13.09 -16.34 13.59
N GLU D 232 -12.29 -15.85 14.54
CA GLU D 232 -11.12 -15.07 14.17
C GLU D 232 -10.04 -16.01 13.61
N THR D 233 -9.29 -15.49 12.64
CA THR D 233 -8.26 -16.28 11.97
C THR D 233 -7.28 -16.84 12.99
N ARG D 234 -6.90 -18.10 12.80
CA ARG D 234 -6.11 -18.81 13.79
C ARG D 234 -5.03 -19.63 13.11
N PRO D 235 -3.88 -19.80 13.77
CA PRO D 235 -2.78 -20.56 13.17
C PRO D 235 -3.02 -22.06 13.26
N ALA D 236 -2.70 -22.74 12.15
CA ALA D 236 -2.74 -24.20 12.16
C ALA D 236 -1.61 -24.78 13.01
N GLY D 237 -0.52 -24.03 13.18
CA GLY D 237 0.67 -24.52 13.84
C GLY D 237 1.80 -24.90 12.90
N ASP D 238 1.50 -25.05 11.60
CA ASP D 238 2.48 -25.45 10.60
C ASP D 238 2.99 -24.30 9.75
N GLY D 239 2.61 -23.07 10.08
CA GLY D 239 2.93 -21.90 9.28
C GLY D 239 1.75 -21.33 8.52
N THR D 240 0.71 -22.13 8.29
CA THR D 240 -0.49 -21.67 7.61
C THR D 240 -1.56 -21.29 8.64
N PHE D 241 -2.70 -20.81 8.14
CA PHE D 241 -3.78 -20.33 9.00
C PHE D 241 -5.09 -20.94 8.57
N GLN D 242 -6.10 -20.78 9.44
CA GLN D 242 -7.44 -21.29 9.20
C GLN D 242 -8.46 -20.20 9.50
N LYS D 243 -9.67 -20.39 8.97
CA LYS D 243 -10.82 -19.55 9.30
C LYS D 243 -12.06 -20.19 8.71
N TRP D 244 -13.21 -19.91 9.32
CA TRP D 244 -14.48 -20.29 8.72
C TRP D 244 -15.55 -19.27 9.05
N ALA D 245 -16.60 -19.28 8.23
CA ALA D 245 -17.78 -18.44 8.42
C ALA D 245 -19.01 -19.27 8.08
N SER D 246 -20.07 -19.12 8.86
CA SER D 246 -21.24 -19.96 8.72
C SER D 246 -22.51 -19.13 8.72
N VAL D 247 -23.57 -19.71 8.15
CA VAL D 247 -24.91 -19.12 8.12
C VAL D 247 -25.91 -20.24 8.30
N VAL D 248 -27.04 -19.92 8.93
CA VAL D 248 -28.15 -20.86 9.07
C VAL D 248 -29.06 -20.71 7.85
N VAL D 249 -29.58 -21.83 7.36
CA VAL D 249 -30.24 -21.83 6.06
C VAL D 249 -31.37 -22.85 6.05
N PRO D 250 -32.40 -22.59 5.24
CA PRO D 250 -33.52 -23.53 5.14
C PRO D 250 -33.07 -24.78 4.37
N LEU D 251 -33.29 -25.96 4.95
CA LEU D 251 -32.91 -27.21 4.30
C LEU D 251 -33.48 -27.27 2.90
N GLY D 252 -32.63 -27.58 1.93
CA GLY D 252 -33.05 -27.65 0.54
C GLY D 252 -32.73 -26.39 -0.23
N LYS D 253 -32.68 -25.26 0.47
CA LYS D 253 -32.38 -23.98 -0.17
C LYS D 253 -30.90 -23.65 -0.09
N GLU D 254 -30.06 -24.67 -0.21
CA GLU D 254 -28.63 -24.51 0.05
C GLU D 254 -27.83 -24.10 -1.17
N GLN D 255 -28.22 -24.53 -2.37
CA GLN D 255 -27.51 -24.08 -3.57
C GLN D 255 -27.81 -22.62 -3.94
N ASN D 256 -28.70 -21.96 -3.21
CA ASN D 256 -28.88 -20.52 -3.37
C ASN D 256 -27.81 -19.71 -2.64
N TYR D 257 -26.95 -20.37 -1.88
CA TYR D 257 -26.00 -19.69 -1.00
C TYR D 257 -24.58 -19.99 -1.43
N THR D 258 -23.76 -18.94 -1.44
CA THR D 258 -22.45 -18.96 -2.08
C THR D 258 -21.41 -18.37 -1.16
N CYS D 259 -20.32 -19.11 -0.95
CA CYS D 259 -19.20 -18.62 -0.15
C CYS D 259 -18.15 -18.01 -1.08
N ARG D 260 -17.67 -16.84 -0.71
CA ARG D 260 -16.58 -16.17 -1.41
C ARG D 260 -15.36 -16.11 -0.50
N VAL D 261 -14.18 -16.30 -1.07
CA VAL D 261 -12.92 -16.29 -0.34
C VAL D 261 -11.98 -15.31 -1.02
N TYR D 262 -11.48 -14.34 -0.25
CA TYR D 262 -10.58 -13.32 -0.75
C TYR D 262 -9.24 -13.45 -0.04
N HIS D 263 -8.17 -13.56 -0.82
CA HIS D 263 -6.83 -13.70 -0.28
C HIS D 263 -5.84 -13.21 -1.32
N GLU D 264 -4.72 -12.65 -0.84
CA GLU D 264 -3.74 -12.06 -1.74
C GLU D 264 -2.98 -13.08 -2.57
N GLY D 265 -3.09 -14.37 -2.25
CA GLY D 265 -2.39 -15.40 -2.98
C GLY D 265 -3.15 -16.01 -4.15
N LEU D 266 -4.41 -15.64 -4.31
CA LEU D 266 -5.26 -16.18 -5.37
C LEU D 266 -5.16 -15.30 -6.62
N PRO D 267 -5.32 -15.90 -7.81
CA PRO D 267 -5.47 -15.08 -9.02
C PRO D 267 -6.72 -14.23 -8.97
N GLU D 268 -7.82 -14.80 -8.48
CA GLU D 268 -9.07 -14.09 -8.27
C GLU D 268 -9.76 -14.73 -7.09
N PRO D 269 -10.76 -14.07 -6.52
CA PRO D 269 -11.49 -14.67 -5.39
C PRO D 269 -12.12 -16.01 -5.78
N LEU D 270 -12.21 -16.88 -4.79
CA LEU D 270 -12.83 -18.20 -4.97
C LEU D 270 -14.32 -18.13 -4.70
N THR D 271 -15.06 -19.02 -5.37
CA THR D 271 -16.51 -19.07 -5.31
C THR D 271 -16.93 -20.53 -5.18
N LEU D 272 -17.69 -20.85 -4.14
CA LEU D 272 -18.02 -22.25 -3.89
C LEU D 272 -19.31 -22.37 -3.09
N ARG D 273 -19.99 -23.49 -3.34
CA ARG D 273 -21.27 -23.85 -2.71
C ARG D 273 -21.14 -25.19 -1.98
N TRP D 274 -22.23 -25.68 -1.40
CA TRP D 274 -22.20 -26.91 -0.61
C TRP D 274 -21.66 -28.08 -1.43
N GLU D 275 -22.12 -28.21 -2.68
CA GLU D 275 -21.57 -29.20 -3.59
C GLU D 275 -21.79 -30.62 -3.06
N PRO D 276 -23.01 -31.17 -3.16
CA PRO D 276 -23.16 -32.59 -2.82
C PRO D 276 -22.53 -33.47 -3.88
N ILE E 1 -5.83 -1.25 31.13
CA ILE E 1 -6.79 -2.09 31.84
C ILE E 1 -6.56 -3.55 31.50
N GLN E 2 -7.21 -4.43 32.28
CA GLN E 2 -7.13 -5.86 32.00
C GLN E 2 -8.01 -6.20 30.79
N LYS E 3 -7.47 -7.04 29.92
CA LYS E 3 -8.18 -7.51 28.73
C LYS E 3 -8.41 -9.00 28.86
N THR E 4 -9.65 -9.43 28.62
CA THR E 4 -10.05 -10.81 28.88
C THR E 4 -9.57 -11.72 27.76
N PRO E 5 -8.93 -12.85 28.09
CA PRO E 5 -8.46 -13.77 27.05
C PRO E 5 -9.60 -14.34 26.22
N GLN E 6 -9.46 -14.24 24.90
CA GLN E 6 -10.30 -14.98 23.96
C GLN E 6 -9.60 -16.29 23.62
N ILE E 7 -10.36 -17.39 23.63
CA ILE E 7 -9.78 -18.73 23.58
C ILE E 7 -10.45 -19.52 22.47
N GLN E 8 -9.63 -20.18 21.63
CA GLN E 8 -10.11 -21.11 20.62
C GLN E 8 -9.40 -22.45 20.81
N VAL E 9 -10.18 -23.53 20.79
CA VAL E 9 -9.64 -24.89 20.85
C VAL E 9 -10.07 -25.61 19.59
N TYR E 10 -9.10 -26.17 18.86
CA TYR E 10 -9.33 -26.68 17.52
C TYR E 10 -8.15 -27.55 17.12
N SER E 11 -8.36 -28.40 16.11
CA SER E 11 -7.35 -29.33 15.65
C SER E 11 -6.61 -28.77 14.43
N ARG E 12 -5.34 -29.17 14.29
CA ARG E 12 -4.57 -28.73 13.12
C ARG E 12 -5.10 -29.35 11.84
N HIS E 13 -5.47 -30.64 11.89
CA HIS E 13 -6.03 -31.32 10.73
C HIS E 13 -7.47 -31.71 11.02
N PRO E 14 -8.31 -31.82 10.00
CA PRO E 14 -9.72 -32.19 10.22
C PRO E 14 -9.82 -33.48 11.01
N PRO E 15 -10.52 -33.47 12.13
CA PRO E 15 -10.41 -34.58 13.08
C PRO E 15 -10.97 -35.88 12.52
N GLU E 16 -10.32 -36.97 12.88
CA GLU E 16 -10.72 -38.31 12.48
C GLU E 16 -10.54 -39.23 13.68
N ASN E 17 -11.60 -39.92 14.07
CA ASN E 17 -11.52 -40.83 15.21
C ASN E 17 -10.48 -41.91 14.93
N GLY E 18 -9.57 -42.10 15.89
CA GLY E 18 -8.51 -43.08 15.78
C GLY E 18 -7.30 -42.64 14.99
N LYS E 19 -7.23 -41.37 14.59
CA LYS E 19 -6.13 -40.87 13.78
C LYS E 19 -5.36 -39.80 14.55
N PRO E 20 -4.04 -39.90 14.65
CA PRO E 20 -3.26 -38.85 15.31
C PRO E 20 -3.46 -37.48 14.65
N ASN E 21 -3.22 -36.45 15.45
CA ASN E 21 -3.51 -35.07 15.07
C ASN E 21 -2.85 -34.17 16.09
N ILE E 22 -2.92 -32.86 15.84
CA ILE E 22 -2.48 -31.84 16.79
C ILE E 22 -3.69 -31.08 17.28
N LEU E 23 -3.75 -30.85 18.60
CA LEU E 23 -4.78 -30.04 19.21
C LEU E 23 -4.19 -28.69 19.60
N ASN E 24 -4.86 -27.61 19.21
CA ASN E 24 -4.37 -26.25 19.41
C ASN E 24 -5.26 -25.51 20.41
N CYS E 25 -4.63 -24.79 21.32
CA CYS E 25 -5.31 -23.83 22.17
C CYS E 25 -4.73 -22.44 21.87
N TYR E 26 -5.55 -21.60 21.26
CA TYR E 26 -5.13 -20.28 20.78
C TYR E 26 -5.74 -19.22 21.69
N VAL E 27 -4.89 -18.46 22.38
CA VAL E 27 -5.32 -17.51 23.40
C VAL E 27 -4.85 -16.12 22.98
N THR E 28 -5.80 -15.22 22.74
CA THR E 28 -5.50 -13.91 22.18
C THR E 28 -6.12 -12.80 23.03
N GLN E 29 -5.67 -11.57 22.76
CA GLN E 29 -6.35 -10.35 23.23
C GLN E 29 -6.42 -10.28 24.75
N PHE E 30 -5.28 -10.53 25.41
CA PHE E 30 -5.25 -10.48 26.87
C PHE E 30 -4.12 -9.57 27.34
N HIS E 31 -4.30 -9.03 28.55
CA HIS E 31 -3.40 -8.08 29.19
C HIS E 31 -3.67 -8.08 30.68
N PRO E 32 -2.65 -8.18 31.54
CA PRO E 32 -1.21 -8.23 31.27
C PRO E 32 -0.78 -9.58 30.70
N PRO E 33 0.47 -9.67 30.19
CA PRO E 33 0.86 -10.88 29.46
C PRO E 33 1.01 -12.12 30.33
N HIS E 34 1.19 -12.01 31.65
CA HIS E 34 1.27 -13.21 32.47
C HIS E 34 -0.02 -14.02 32.35
N ILE E 35 0.12 -15.32 32.11
CA ILE E 35 -1.03 -16.18 31.88
C ILE E 35 -0.60 -17.63 32.05
N GLU E 36 -1.51 -18.45 32.57
CA GLU E 36 -1.32 -19.88 32.68
C GLU E 36 -2.27 -20.59 31.74
N ILE E 37 -1.77 -21.59 31.03
CA ILE E 37 -2.55 -22.35 30.07
C ILE E 37 -2.27 -23.82 30.29
N GLN E 38 -3.33 -24.59 30.53
CA GLN E 38 -3.26 -26.03 30.63
C GLN E 38 -4.18 -26.65 29.59
N MET E 39 -3.76 -27.78 29.04
CA MET E 39 -4.61 -28.56 28.15
C MET E 39 -5.02 -29.85 28.85
N LEU E 40 -6.27 -30.23 28.67
CA LEU E 40 -6.89 -31.29 29.45
C LEU E 40 -7.47 -32.36 28.55
N LYS E 41 -7.40 -33.60 29.01
CA LYS E 41 -8.08 -34.73 28.39
C LYS E 41 -8.96 -35.38 29.46
N ASN E 42 -10.27 -35.29 29.28
CA ASN E 42 -11.24 -35.83 30.24
C ASN E 42 -10.99 -35.27 31.64
N GLY E 43 -10.64 -33.98 31.69
CA GLY E 43 -10.43 -33.29 32.95
C GLY E 43 -9.03 -33.39 33.52
N LYS E 44 -8.17 -34.22 32.93
CA LYS E 44 -6.82 -34.43 33.44
C LYS E 44 -5.78 -33.66 32.62
N LYS E 45 -4.79 -33.10 33.31
CA LYS E 45 -3.78 -32.27 32.65
C LYS E 45 -2.92 -33.13 31.74
N ILE E 46 -2.83 -32.75 30.47
CA ILE E 46 -1.96 -33.39 29.50
C ILE E 46 -0.53 -33.00 29.80
N PRO E 47 0.38 -33.95 30.01
CA PRO E 47 1.73 -33.57 30.48
C PRO E 47 2.58 -32.87 29.45
N LYS E 48 2.50 -33.29 28.19
CA LYS E 48 3.46 -32.92 27.15
C LYS E 48 2.85 -31.84 26.26
N VAL E 49 2.99 -30.59 26.69
CA VAL E 49 2.31 -29.45 26.09
C VAL E 49 3.34 -28.44 25.60
N GLU E 50 3.31 -28.14 24.31
CA GLU E 50 4.19 -27.14 23.72
C GLU E 50 3.58 -25.75 23.84
N MET E 51 4.41 -24.77 24.16
CA MET E 51 3.97 -23.39 24.39
C MET E 51 4.82 -22.46 23.55
N SER E 52 4.16 -21.68 22.67
CA SER E 52 4.88 -20.67 21.92
C SER E 52 5.34 -19.55 22.86
N ASP E 53 6.32 -18.79 22.40
CA ASP E 53 6.82 -17.67 23.18
C ASP E 53 5.82 -16.51 23.14
N MET E 54 5.91 -15.64 24.14
CA MET E 54 4.98 -14.53 24.22
CA MET E 54 4.99 -14.52 24.21
C MET E 54 5.25 -13.56 23.08
N SER E 55 4.18 -13.13 22.43
CA SER E 55 4.30 -12.13 21.38
C SER E 55 3.10 -11.22 21.57
N PHE E 56 3.13 -10.05 20.97
CA PHE E 56 1.88 -9.31 20.92
C PHE E 56 1.64 -8.88 19.50
N SER E 57 0.39 -8.59 19.16
CA SER E 57 0.03 -8.05 17.86
C SER E 57 0.12 -6.52 17.83
N LYS E 58 -0.35 -5.90 16.76
CA LYS E 58 -0.30 -4.45 16.58
C LYS E 58 -1.19 -3.60 17.50
N ASP E 59 -2.28 -4.19 17.95
CA ASP E 59 -3.28 -3.59 18.83
C ASP E 59 -2.77 -3.53 20.28
N TRP E 60 -1.60 -4.11 20.45
CA TRP E 60 -0.80 -4.29 21.67
C TRP E 60 -1.24 -5.51 22.47
N SER E 61 -2.25 -6.20 21.99
CA SER E 61 -2.77 -7.41 22.61
C SER E 61 -1.77 -8.56 22.54
N PHE E 62 -1.64 -9.32 23.62
CA PHE E 62 -0.77 -10.48 23.57
C PHE E 62 -1.53 -11.70 23.06
N TYR E 63 -0.79 -12.60 22.42
CA TYR E 63 -1.35 -13.87 21.98
C TYR E 63 -0.29 -14.94 22.17
N ILE E 64 -0.76 -16.19 22.25
CA ILE E 64 0.11 -17.31 22.54
C ILE E 64 -0.60 -18.58 22.07
N LEU E 65 0.16 -19.50 21.49
CA LEU E 65 -0.36 -20.74 20.97
C LEU E 65 0.17 -21.91 21.79
N ALA E 66 -0.73 -22.76 22.25
CA ALA E 66 -0.38 -24.02 22.89
C ALA E 66 -0.91 -25.16 22.03
N HIS E 67 -0.09 -26.19 21.86
CA HIS E 67 -0.51 -27.35 21.08
C HIS E 67 0.08 -28.62 21.69
N THR E 68 -0.55 -29.75 21.34
CA THR E 68 -0.14 -31.04 21.86
C THR E 68 -0.61 -32.11 20.89
N GLU E 69 0.11 -33.24 20.87
CA GLU E 69 -0.35 -34.40 20.13
C GLU E 69 -1.57 -35.01 20.81
N PHE E 70 -2.52 -35.48 20.00
CA PHE E 70 -3.67 -36.17 20.55
C PHE E 70 -4.30 -37.02 19.46
N THR E 71 -5.10 -37.98 19.89
CA THR E 71 -5.87 -38.84 18.99
C THR E 71 -7.34 -38.75 19.39
N PRO E 72 -8.16 -38.05 18.64
CA PRO E 72 -9.59 -37.99 18.98
C PRO E 72 -10.25 -39.36 18.92
N THR E 73 -11.13 -39.61 19.88
CA THR E 73 -12.03 -40.76 19.89
C THR E 73 -13.45 -40.23 19.90
N GLU E 74 -14.42 -41.16 19.91
CA GLU E 74 -15.82 -40.75 20.00
C GLU E 74 -16.08 -39.97 21.28
N THR E 75 -15.39 -40.33 22.36
CA THR E 75 -15.85 -40.05 23.71
C THR E 75 -14.93 -39.17 24.52
N ASP E 76 -13.68 -38.96 24.09
CA ASP E 76 -12.75 -38.18 24.88
C ASP E 76 -13.06 -36.69 24.73
N THR E 77 -13.13 -35.99 25.87
CA THR E 77 -13.34 -34.56 25.89
C THR E 77 -11.99 -33.86 26.07
N TYR E 78 -11.69 -32.95 25.16
CA TYR E 78 -10.47 -32.15 25.23
C TYR E 78 -10.83 -30.70 25.52
N ALA E 79 -10.06 -30.07 26.40
CA ALA E 79 -10.35 -28.71 26.84
C ALA E 79 -9.06 -27.96 27.07
N CYS E 80 -9.19 -26.63 27.11
CA CYS E 80 -8.09 -25.74 27.43
C CYS E 80 -8.48 -24.90 28.64
N ARG E 81 -7.64 -24.90 29.66
CA ARG E 81 -7.90 -24.18 30.91
C ARG E 81 -6.92 -23.02 31.01
N VAL E 82 -7.45 -21.81 31.17
CA VAL E 82 -6.66 -20.58 31.14
C VAL E 82 -6.89 -19.82 32.43
N LYS E 83 -5.80 -19.46 33.09
CA LYS E 83 -5.82 -18.63 34.29
C LYS E 83 -5.18 -17.28 33.99
N HIS E 84 -5.89 -16.20 34.31
CA HIS E 84 -5.44 -14.86 33.97
C HIS E 84 -6.03 -13.87 34.96
N ASP E 85 -5.36 -12.72 35.09
CA ASP E 85 -5.77 -11.71 36.07
C ASP E 85 -7.16 -11.17 35.78
N SER E 86 -7.59 -11.18 34.52
CA SER E 86 -8.88 -10.61 34.15
C SER E 86 -10.06 -11.42 34.66
N MET E 87 -9.85 -12.62 35.17
CA MET E 87 -10.92 -13.51 35.60
C MET E 87 -10.72 -13.90 37.05
N ALA E 88 -11.82 -13.96 37.81
CA ALA E 88 -11.75 -14.46 39.17
C ALA E 88 -11.37 -15.94 39.17
N GLU E 89 -11.93 -16.70 38.24
CA GLU E 89 -11.71 -18.13 38.14
C GLU E 89 -11.13 -18.51 36.79
N PRO E 90 -10.39 -19.62 36.70
CA PRO E 90 -9.90 -20.07 35.39
C PRO E 90 -11.06 -20.44 34.48
N LYS E 91 -10.84 -20.29 33.19
CA LYS E 91 -11.87 -20.51 32.18
C LYS E 91 -11.51 -21.76 31.38
N THR E 92 -12.44 -22.71 31.34
CA THR E 92 -12.29 -23.93 30.56
C THR E 92 -13.11 -23.81 29.28
N VAL E 93 -12.45 -23.95 28.14
CA VAL E 93 -13.10 -23.96 26.84
C VAL E 93 -12.95 -25.35 26.25
N TYR E 94 -14.06 -25.92 25.80
CA TYR E 94 -14.07 -27.29 25.31
C TYR E 94 -13.85 -27.34 23.81
N TRP E 95 -13.20 -28.41 23.38
CA TRP E 95 -13.01 -28.66 21.95
C TRP E 95 -14.33 -29.09 21.33
N ASP E 96 -14.65 -28.49 20.19
CA ASP E 96 -15.81 -28.85 19.38
C ASP E 96 -15.27 -29.31 18.04
N ARG E 97 -15.35 -30.62 17.78
CA ARG E 97 -14.72 -31.19 16.59
C ARG E 97 -15.18 -30.52 15.31
N ASP E 98 -16.41 -29.99 15.29
CA ASP E 98 -16.98 -29.39 14.09
C ASP E 98 -16.83 -27.87 14.05
N MET E 99 -15.79 -27.33 14.70
CA MET E 99 -15.60 -25.88 14.75
C MET E 99 -14.13 -25.47 14.77
N MET F 1 19.13 -5.44 12.69
CA MET F 1 19.77 -4.41 13.50
C MET F 1 18.69 -3.73 14.33
N CYS F 2 18.82 -3.84 15.64
CA CYS F 2 17.83 -3.29 16.55
C CYS F 2 18.14 -1.84 16.90
N PRO F 3 17.11 -1.05 17.20
CA PRO F 3 17.34 0.35 17.59
C PRO F 3 17.77 0.44 19.05
N ARG F 4 18.44 1.55 19.36
CA ARG F 4 18.86 1.84 20.72
C ARG F 4 18.19 3.13 21.17
N MET F 5 17.47 3.06 22.28
CA MET F 5 16.76 4.23 22.77
C MET F 5 17.73 5.20 23.44
N THR F 6 17.50 6.49 23.21
CA THR F 6 18.32 7.53 23.85
C THR F 6 17.65 8.01 25.12
N ALA F 7 16.89 9.10 25.03
CA ALA F 7 16.24 9.65 26.21
C ALA F 7 15.16 8.70 26.72
N VAL F 8 15.13 8.51 28.04
CA VAL F 8 14.12 7.66 28.66
C VAL F 8 12.81 8.42 28.72
N MET F 9 11.75 7.72 29.11
CA MET F 9 10.44 8.34 29.23
C MET F 9 10.37 9.26 30.44
#